data_3BRJ
#
_entry.id   3BRJ
#
_cell.length_a   63.281
_cell.length_b   63.281
_cell.length_c   227.100
_cell.angle_alpha   90.00
_cell.angle_beta   90.00
_cell.angle_gamma   90.00
#
_symmetry.space_group_name_H-M   'P 41'
#
loop_
_entity.id
_entity.type
_entity.pdbx_description
1 polymer 'Mannitol operon repressor'
2 non-polymer 1,2-ETHANEDIOL
3 non-polymer GLYCEROL
4 water water
#
_entity_poly.entity_id   1
_entity_poly.type   'polypeptide(L)'
_entity_poly.pdbx_seq_one_letter_code
;SNA(MSE)ADNINESEIIERLNSAPSVRGFFIATVDVFNESIDGLIQRIFRKDNFAVQSVVGPLLQDSGPLGDLSVRLKL
LFGLGVLPDDIYHDIEDIIKLKNHLNSDASDYEFTDPNILEPIKKLHLVKK(MSE)G(MSE)VQLEVNEPDDDIDLEFYQ
LQLQRQQQIIKSGLSLAIVEICNELGK
;
_entity_poly.pdbx_strand_id   A,B,C,D
#
loop_
_chem_comp.id
_chem_comp.type
_chem_comp.name
_chem_comp.formula
EDO non-polymer 1,2-ETHANEDIOL 'C2 H6 O2'
GOL non-polymer GLYCEROL 'C3 H8 O3'
#
# COMPACT_ATOMS: atom_id res chain seq x y z
N ASN A 9 -32.03 -3.33 -16.04
CA ASN A 9 -30.60 -2.98 -16.31
C ASN A 9 -30.51 -1.74 -17.21
N GLU A 10 -30.49 -1.95 -18.53
CA GLU A 10 -30.37 -0.90 -19.55
C GLU A 10 -31.02 0.46 -19.21
N SER A 11 -32.08 0.47 -18.39
CA SER A 11 -32.89 1.67 -18.20
C SER A 11 -32.72 2.34 -16.85
N GLU A 12 -32.77 1.54 -15.78
CA GLU A 12 -32.66 2.10 -14.42
C GLU A 12 -31.31 2.75 -14.25
N ILE A 13 -30.51 2.63 -15.31
CA ILE A 13 -29.27 3.37 -15.38
C ILE A 13 -29.32 4.59 -16.33
N ILE A 14 -30.21 4.60 -17.32
CA ILE A 14 -30.41 5.87 -18.02
C ILE A 14 -31.08 6.88 -17.10
N GLU A 15 -31.84 6.39 -16.13
CA GLU A 15 -32.40 7.23 -15.07
C GLU A 15 -31.36 7.72 -14.11
N ARG A 16 -30.34 6.93 -13.86
CA ARG A 16 -29.29 7.41 -13.02
C ARG A 16 -28.52 8.54 -13.68
N LEU A 17 -28.21 8.41 -14.96
CA LEU A 17 -27.39 9.42 -15.61
C LEU A 17 -28.24 10.68 -15.79
N ASN A 18 -29.53 10.48 -15.81
CA ASN A 18 -30.39 11.56 -16.04
C ASN A 18 -30.54 12.46 -14.84
N SER A 19 -30.66 11.83 -13.68
CA SER A 19 -31.07 12.51 -12.46
C SER A 19 -29.86 13.22 -11.89
N ALA A 20 -28.72 12.96 -12.51
CA ALA A 20 -27.51 13.69 -12.16
C ALA A 20 -27.66 15.15 -12.57
N PRO A 21 -27.63 16.05 -11.60
CA PRO A 21 -27.85 17.47 -11.87
C PRO A 21 -26.65 18.26 -12.44
N SER A 22 -25.46 17.66 -12.56
CA SER A 22 -24.31 18.47 -12.92
C SER A 22 -23.15 17.70 -13.51
N VAL A 23 -22.23 18.37 -14.18
CA VAL A 23 -21.11 17.63 -14.69
C VAL A 23 -20.49 16.75 -13.55
N ARG A 24 -20.15 17.33 -12.40
CA ARG A 24 -19.48 16.48 -11.38
C ARG A 24 -20.37 15.32 -11.03
N GLY A 25 -21.66 15.62 -10.79
CA GLY A 25 -22.70 14.65 -10.43
C GLY A 25 -22.69 13.57 -11.47
N PHE A 26 -22.77 13.96 -12.73
CA PHE A 26 -22.78 13.01 -13.83
C PHE A 26 -21.62 12.06 -13.74
N PHE A 27 -20.39 12.54 -13.67
CA PHE A 27 -19.27 11.62 -13.73
C PHE A 27 -19.15 10.69 -12.52
N ILE A 28 -19.52 11.18 -11.35
CA ILE A 28 -19.65 10.32 -10.19
C ILE A 28 -20.67 9.17 -10.44
N ALA A 29 -21.86 9.48 -10.92
CA ALA A 29 -22.75 8.37 -11.19
C ALA A 29 -22.17 7.43 -12.24
N THR A 30 -21.42 7.96 -13.20
CA THR A 30 -21.04 7.14 -14.31
C THR A 30 -19.91 6.16 -13.95
N VAL A 31 -19.00 6.54 -13.08
CA VAL A 31 -18.05 5.53 -12.61
C VAL A 31 -18.64 4.63 -11.50
N ASP A 32 -19.59 5.13 -10.72
CA ASP A 32 -20.33 4.19 -9.92
C ASP A 32 -20.83 3.10 -10.85
N VAL A 33 -21.44 3.49 -11.97
CA VAL A 33 -22.06 2.52 -12.86
C VAL A 33 -21.02 1.56 -13.40
N PHE A 34 -19.95 2.13 -13.95
CA PHE A 34 -18.80 1.34 -14.35
C PHE A 34 -18.35 0.43 -13.23
N ASN A 35 -18.22 0.97 -12.02
CA ASN A 35 -17.82 0.14 -10.89
C ASN A 35 -18.67 -1.07 -10.66
N GLU A 36 -19.98 -0.98 -10.79
CA GLU A 36 -20.80 -2.13 -10.46
C GLU A 36 -20.96 -3.08 -11.63
N SER A 37 -21.05 -2.53 -12.84
CA SER A 37 -21.00 -3.41 -14.00
C SER A 37 -19.72 -4.21 -13.95
N ILE A 38 -18.56 -3.57 -13.90
CA ILE A 38 -17.34 -4.38 -13.89
C ILE A 38 -17.22 -5.29 -12.66
N ASP A 39 -17.83 -4.92 -11.54
CA ASP A 39 -17.75 -5.81 -10.41
C ASP A 39 -18.29 -7.15 -10.83
N GLY A 40 -19.50 -7.14 -11.38
CA GLY A 40 -20.18 -8.39 -11.69
C GLY A 40 -19.48 -9.15 -12.79
N LEU A 41 -18.51 -8.51 -13.44
CA LEU A 41 -17.75 -9.17 -14.46
C LEU A 41 -16.68 -9.89 -13.70
N ILE A 42 -15.89 -9.11 -13.01
CA ILE A 42 -14.79 -9.64 -12.26
C ILE A 42 -15.29 -10.84 -11.45
N GLN A 43 -16.48 -10.70 -10.86
CA GLN A 43 -17.02 -11.72 -10.00
C GLN A 43 -17.26 -13.04 -10.72
N ARG A 44 -17.67 -12.96 -11.98
CA ARG A 44 -18.00 -14.19 -12.67
C ARG A 44 -16.75 -14.81 -13.27
N ILE A 45 -15.76 -13.97 -13.55
CA ILE A 45 -14.47 -14.48 -14.03
C ILE A 45 -13.64 -15.20 -12.95
N PHE A 46 -13.96 -14.97 -11.69
CA PHE A 46 -13.32 -15.68 -10.60
C PHE A 46 -14.18 -16.82 -10.13
N ARG A 47 -13.54 -17.84 -9.57
CA ARG A 47 -14.23 -18.89 -8.86
C ARG A 47 -15.12 -18.28 -7.80
N LYS A 48 -16.36 -18.75 -7.72
CA LYS A 48 -17.34 -18.19 -6.82
C LYS A 48 -18.08 -19.28 -6.15
N ASP A 49 -17.36 -20.11 -5.43
CA ASP A 49 -18.02 -21.19 -4.73
C ASP A 49 -17.34 -21.43 -3.41
N ASN A 50 -16.77 -22.63 -3.31
CA ASN A 50 -16.26 -23.19 -2.09
C ASN A 50 -15.70 -22.17 -1.11
N PHE A 51 -16.05 -22.37 0.17
CA PHE A 51 -15.60 -21.51 1.25
C PHE A 51 -14.12 -21.29 1.15
N ALA A 52 -13.34 -22.38 1.12
CA ALA A 52 -11.89 -22.22 0.92
C ALA A 52 -11.56 -21.24 -0.23
N VAL A 53 -12.28 -21.33 -1.36
CA VAL A 53 -12.04 -20.37 -2.46
C VAL A 53 -12.57 -19.00 -2.11
N GLN A 54 -13.74 -18.95 -1.48
CA GLN A 54 -14.36 -17.69 -1.09
C GLN A 54 -13.61 -17.08 0.08
N SER A 55 -12.82 -17.93 0.73
CA SER A 55 -11.90 -17.55 1.78
C SER A 55 -10.65 -16.86 1.24
N VAL A 56 -10.16 -17.28 0.07
CA VAL A 56 -9.09 -16.56 -0.63
C VAL A 56 -9.63 -15.43 -1.50
N VAL A 57 -10.65 -15.73 -2.30
CA VAL A 57 -11.22 -14.77 -3.26
C VAL A 57 -11.95 -13.62 -2.57
N GLY A 58 -12.61 -13.91 -1.45
CA GLY A 58 -13.32 -12.87 -0.69
C GLY A 58 -12.44 -11.65 -0.49
N PRO A 59 -11.35 -11.81 0.29
CA PRO A 59 -10.44 -10.75 0.67
C PRO A 59 -9.60 -10.22 -0.47
N LEU A 60 -9.30 -11.04 -1.45
CA LEU A 60 -8.58 -10.53 -2.61
C LEU A 60 -9.37 -9.38 -3.27
N LEU A 61 -10.69 -9.59 -3.39
CA LEU A 61 -11.60 -8.71 -4.12
C LEU A 61 -12.09 -7.52 -3.31
N GLN A 62 -12.24 -7.72 -2.01
CA GLN A 62 -12.74 -6.68 -1.11
C GLN A 62 -11.80 -5.46 -1.13
N ASP A 63 -12.21 -4.35 -0.50
CA ASP A 63 -11.64 -3.04 -0.84
C ASP A 63 -10.19 -2.84 -0.48
N SER A 64 -9.83 -3.26 0.74
CA SER A 64 -8.44 -3.22 1.23
C SER A 64 -7.60 -4.25 0.51
N GLY A 65 -8.24 -5.12 -0.25
CA GLY A 65 -7.50 -6.13 -0.96
C GLY A 65 -6.77 -5.60 -2.19
N PRO A 66 -5.80 -6.40 -2.68
CA PRO A 66 -5.07 -6.12 -3.94
C PRO A 66 -5.96 -5.81 -5.14
N LEU A 67 -7.07 -6.54 -5.30
CA LEU A 67 -8.06 -6.23 -6.34
C LEU A 67 -9.26 -5.45 -5.79
N GLY A 68 -9.00 -4.56 -4.83
CA GLY A 68 -10.07 -3.73 -4.30
C GLY A 68 -10.50 -2.70 -5.32
N ASP A 69 -9.52 -2.03 -5.91
CA ASP A 69 -9.77 -0.96 -6.83
C ASP A 69 -10.39 -1.29 -8.15
N LEU A 70 -11.28 -0.41 -8.58
CA LEU A 70 -11.77 -0.47 -9.94
C LEU A 70 -10.65 -0.46 -10.99
N SER A 71 -9.80 0.56 -10.93
CA SER A 71 -8.83 0.78 -12.01
C SER A 71 -7.76 -0.35 -12.02
N VAL A 72 -7.33 -0.75 -10.84
CA VAL A 72 -6.58 -1.98 -10.75
C VAL A 72 -7.39 -3.10 -11.41
N ARG A 73 -8.70 -3.15 -11.16
CA ARG A 73 -9.37 -4.31 -11.63
C ARG A 73 -9.73 -4.18 -13.10
N LEU A 74 -9.63 -2.99 -13.64
CA LEU A 74 -9.69 -2.86 -15.12
C LEU A 74 -8.39 -3.27 -15.74
N LYS A 75 -7.30 -2.87 -15.08
CA LYS A 75 -5.98 -3.12 -15.60
C LYS A 75 -5.81 -4.63 -15.85
N LEU A 76 -6.16 -5.40 -14.83
CA LEU A 76 -6.08 -6.85 -14.89
C LEU A 76 -7.01 -7.48 -15.87
N LEU A 77 -8.25 -7.01 -15.94
CA LEU A 77 -9.22 -7.51 -16.95
C LEU A 77 -8.75 -7.30 -18.38
N PHE A 78 -8.04 -6.20 -18.59
CA PHE A 78 -7.49 -5.93 -19.90
C PHE A 78 -6.36 -6.91 -20.22
N GLY A 79 -5.44 -7.08 -19.28
CA GLY A 79 -4.31 -7.97 -19.42
C GLY A 79 -4.72 -9.42 -19.56
N LEU A 80 -5.88 -9.78 -18.99
CA LEU A 80 -6.37 -11.15 -19.20
C LEU A 80 -6.94 -11.40 -20.62
N GLY A 81 -7.24 -10.34 -21.35
CA GLY A 81 -7.82 -10.45 -22.69
C GLY A 81 -9.33 -10.30 -22.71
N VAL A 82 -9.90 -10.04 -21.54
CA VAL A 82 -11.33 -9.98 -21.37
C VAL A 82 -11.96 -8.70 -22.01
N LEU A 83 -11.35 -7.53 -21.80
CA LEU A 83 -11.85 -6.24 -22.34
C LEU A 83 -11.16 -5.77 -23.62
N PRO A 84 -11.94 -5.40 -24.67
CA PRO A 84 -11.31 -4.82 -25.87
C PRO A 84 -10.57 -3.49 -25.58
N ASP A 85 -9.49 -3.23 -26.34
CA ASP A 85 -8.67 -2.02 -26.16
C ASP A 85 -9.56 -0.79 -26.04
N ASP A 86 -10.42 -0.59 -27.03
CA ASP A 86 -11.38 0.50 -27.06
C ASP A 86 -12.11 0.69 -25.74
N ILE A 87 -12.66 -0.38 -25.17
CA ILE A 87 -13.42 -0.13 -23.94
C ILE A 87 -12.59 -0.01 -22.68
N TYR A 88 -11.41 -0.58 -22.67
CA TYR A 88 -10.52 -0.41 -21.52
C TYR A 88 -10.14 1.05 -21.43
N HIS A 89 -9.71 1.59 -22.55
CA HIS A 89 -9.21 2.95 -22.52
C HIS A 89 -10.29 3.91 -22.20
N ASP A 90 -11.40 3.81 -22.90
CA ASP A 90 -12.54 4.68 -22.58
C ASP A 90 -12.91 4.70 -21.11
N ILE A 91 -13.17 3.56 -20.49
CA ILE A 91 -13.41 3.54 -19.03
C ILE A 91 -12.27 4.16 -18.24
N GLU A 92 -11.07 3.70 -18.48
CA GLU A 92 -9.92 4.30 -17.88
C GLU A 92 -9.99 5.83 -18.09
N ASP A 93 -10.08 6.23 -19.36
CA ASP A 93 -10.14 7.66 -19.70
C ASP A 93 -11.27 8.39 -18.96
N ILE A 94 -12.48 7.85 -18.92
CA ILE A 94 -13.47 8.58 -18.22
C ILE A 94 -13.13 8.66 -16.71
N ILE A 95 -12.35 7.70 -16.22
CA ILE A 95 -12.01 7.75 -14.81
C ILE A 95 -11.01 8.89 -14.54
N LYS A 96 -9.94 8.96 -15.36
CA LYS A 96 -8.99 10.07 -15.20
C LYS A 96 -9.81 11.31 -14.98
N LEU A 97 -10.85 11.41 -15.83
CA LEU A 97 -11.62 12.63 -15.90
C LEU A 97 -12.48 12.89 -14.67
N LYS A 98 -13.21 11.90 -14.21
CA LYS A 98 -13.96 12.08 -12.98
C LYS A 98 -13.02 12.50 -11.83
N ASN A 99 -11.83 11.91 -11.78
CA ASN A 99 -10.96 12.29 -10.73
C ASN A 99 -10.49 13.73 -10.87
N HIS A 100 -10.15 14.12 -12.10
CA HIS A 100 -9.70 15.49 -12.41
C HIS A 100 -10.71 16.41 -11.73
N LEU A 101 -11.98 16.17 -12.10
CA LEU A 101 -13.11 16.95 -11.69
C LEU A 101 -13.13 16.99 -10.16
N ASN A 102 -12.93 15.83 -9.53
CA ASN A 102 -13.05 15.75 -8.12
C ASN A 102 -11.96 16.38 -7.35
N SER A 103 -10.96 16.91 -8.08
CA SER A 103 -9.86 17.63 -7.46
C SER A 103 -9.86 19.03 -7.82
N ASP A 104 -10.90 19.49 -8.48
CA ASP A 104 -10.86 20.81 -9.07
C ASP A 104 -11.97 21.64 -8.43
N ALA A 105 -11.53 22.74 -7.83
CA ALA A 105 -12.48 23.61 -7.19
C ALA A 105 -13.47 24.31 -8.17
N SER A 106 -13.21 24.27 -9.47
CA SER A 106 -14.10 24.98 -10.45
C SER A 106 -15.18 24.08 -11.03
N ASP A 107 -16.39 24.59 -11.13
CA ASP A 107 -17.52 23.85 -11.73
C ASP A 107 -17.42 24.02 -13.22
N TYR A 108 -17.54 22.94 -13.98
CA TYR A 108 -17.59 23.09 -15.45
C TYR A 108 -18.89 22.76 -16.06
N GLU A 109 -18.96 22.86 -17.36
CA GLU A 109 -20.20 22.60 -18.05
C GLU A 109 -19.90 21.79 -19.28
N PHE A 110 -20.84 20.95 -19.67
CA PHE A 110 -20.56 19.99 -20.75
C PHE A 110 -20.07 20.62 -22.02
N THR A 111 -20.45 21.87 -22.26
CA THR A 111 -19.99 22.57 -23.45
C THR A 111 -18.64 23.29 -23.27
N ASP A 112 -18.05 23.23 -22.07
CA ASP A 112 -16.70 23.83 -21.86
C ASP A 112 -15.63 22.94 -22.54
N PRO A 113 -14.50 23.55 -22.97
CA PRO A 113 -13.56 22.80 -23.82
C PRO A 113 -12.79 21.72 -23.06
N ASN A 114 -12.33 22.04 -21.86
CA ASN A 114 -11.67 21.07 -20.99
C ASN A 114 -12.56 19.89 -20.71
N ILE A 115 -13.85 20.02 -21.01
CA ILE A 115 -14.82 18.96 -20.77
C ILE A 115 -15.25 18.25 -22.04
N LEU A 116 -15.56 19.00 -23.09
CA LEU A 116 -16.08 18.42 -24.32
C LEU A 116 -15.01 17.76 -25.20
N GLU A 117 -13.85 18.38 -25.32
CA GLU A 117 -12.73 17.80 -26.10
C GLU A 117 -12.37 16.41 -25.65
N PRO A 118 -12.18 16.20 -24.32
CA PRO A 118 -11.83 14.83 -23.93
C PRO A 118 -12.99 13.90 -24.13
N ILE A 119 -14.22 14.36 -23.92
CA ILE A 119 -15.33 13.45 -24.24
C ILE A 119 -15.43 13.15 -25.76
N LYS A 120 -15.10 14.09 -26.63
CA LYS A 120 -15.12 13.77 -28.07
C LYS A 120 -13.97 12.79 -28.42
N LYS A 121 -13.09 12.54 -27.45
CA LYS A 121 -11.82 11.81 -27.66
C LYS A 121 -11.98 10.31 -27.43
N LEU A 122 -13.05 9.95 -26.72
CA LEU A 122 -13.43 8.57 -26.44
C LEU A 122 -13.81 7.81 -27.69
N HIS A 123 -13.52 6.52 -27.69
CA HIS A 123 -13.71 5.72 -28.88
C HIS A 123 -15.17 5.53 -29.34
N LEU A 124 -16.10 5.58 -28.38
CA LEU A 124 -17.53 5.37 -28.68
C LEU A 124 -18.27 6.61 -29.14
N VAL A 125 -17.96 7.74 -28.53
CA VAL A 125 -18.48 9.05 -28.95
C VAL A 125 -18.06 9.43 -30.37
N LYS A 126 -16.89 8.97 -30.77
CA LYS A 126 -16.52 9.00 -32.16
C LYS A 126 -17.39 7.97 -32.94
N LYS A 127 -17.45 6.72 -32.43
CA LYS A 127 -18.09 5.55 -33.11
C LYS A 127 -19.63 5.48 -33.21
N MSE A 128 -20.36 5.66 -32.11
CA MSE A 128 -21.85 5.78 -32.17
C MSE A 128 -22.33 7.03 -32.96
O MSE A 128 -23.20 6.89 -33.82
CB MSE A 128 -22.47 5.69 -30.78
CG MSE A 128 -23.22 4.39 -30.47
SE MSE A 128 -22.87 3.49 -28.69
CE MSE A 128 -21.90 4.87 -27.76
N GLY A 129 -21.81 8.22 -32.64
CA GLY A 129 -21.83 9.35 -33.60
C GLY A 129 -22.16 10.77 -33.16
N MSE A 130 -21.81 11.11 -31.93
CA MSE A 130 -22.14 12.45 -31.40
CA MSE A 130 -22.12 12.43 -31.36
C MSE A 130 -21.04 13.48 -31.73
O MSE A 130 -20.24 13.90 -30.89
CB MSE A 130 -22.49 12.39 -29.91
CB MSE A 130 -22.27 12.30 -29.84
CG MSE A 130 -22.61 13.73 -29.21
CG MSE A 130 -22.98 11.01 -29.36
SE MSE A 130 -21.09 14.10 -28.04
SE MSE A 130 -22.00 9.32 -29.65
CE MSE A 130 -20.90 15.99 -28.46
CE MSE A 130 -22.89 8.23 -28.34
N VAL A 131 -20.99 13.89 -33.00
CA VAL A 131 -19.89 14.75 -33.45
C VAL A 131 -20.37 16.10 -33.94
N GLN A 132 -19.69 17.14 -33.45
CA GLN A 132 -20.06 18.54 -33.68
C GLN A 132 -19.02 19.46 -33.05
N LEU A 133 -19.48 20.68 -32.70
CA LEU A 133 -18.69 21.75 -32.08
C LEU A 133 -19.66 22.92 -31.96
N GLU A 134 -19.19 24.12 -31.62
CA GLU A 134 -20.04 25.34 -31.55
C GLU A 134 -19.27 26.62 -31.19
N VAL A 135 -19.42 27.68 -31.99
CA VAL A 135 -18.66 28.91 -31.75
C VAL A 135 -18.92 29.51 -30.35
N ASN A 136 -17.88 30.12 -29.79
CA ASN A 136 -17.92 30.75 -28.48
C ASN A 136 -18.20 32.25 -28.58
N GLU A 137 -19.16 32.74 -27.79
CA GLU A 137 -19.47 34.18 -27.75
C GLU A 137 -20.18 34.58 -26.43
N PRO A 138 -21.34 35.31 -26.45
CA PRO A 138 -22.21 35.87 -27.50
C PRO A 138 -21.65 37.12 -28.19
N ASP A 139 -22.15 37.39 -29.38
CA ASP A 139 -21.69 38.51 -30.22
C ASP A 139 -21.30 39.74 -29.40
N ASP A 140 -22.30 40.37 -28.77
CA ASP A 140 -22.12 41.50 -27.87
C ASP A 140 -22.83 41.21 -26.54
N ASP A 141 -23.51 42.23 -26.01
CA ASP A 141 -24.63 42.02 -25.10
C ASP A 141 -25.84 42.62 -25.81
N ILE A 142 -27.01 42.56 -25.16
CA ILE A 142 -28.34 42.57 -25.82
C ILE A 142 -28.47 41.31 -26.75
N ASP A 143 -27.99 40.17 -26.22
CA ASP A 143 -27.86 38.90 -26.96
C ASP A 143 -27.67 37.66 -26.04
N LEU A 144 -27.31 37.86 -24.77
CA LEU A 144 -26.96 36.74 -23.87
C LEU A 144 -28.13 35.73 -23.58
N GLU A 145 -29.37 36.21 -23.68
CA GLU A 145 -30.58 35.36 -23.58
C GLU A 145 -30.64 34.18 -24.56
N PHE A 146 -30.93 34.52 -25.82
CA PHE A 146 -30.80 33.64 -26.97
C PHE A 146 -29.61 32.65 -26.94
N TYR A 147 -28.42 33.14 -26.59
CA TYR A 147 -27.22 32.34 -26.72
C TYR A 147 -27.15 31.35 -25.58
N GLN A 148 -27.64 31.77 -24.41
CA GLN A 148 -27.72 30.89 -23.26
C GLN A 148 -28.52 29.65 -23.68
N LEU A 149 -29.70 29.88 -24.25
CA LEU A 149 -30.59 28.83 -24.66
C LEU A 149 -30.04 27.85 -25.71
N GLN A 150 -29.22 28.29 -26.66
CA GLN A 150 -28.50 27.35 -27.53
C GLN A 150 -27.50 26.50 -26.74
N LEU A 151 -26.75 27.11 -25.82
CA LEU A 151 -25.76 26.35 -25.08
C LEU A 151 -26.47 25.24 -24.36
N GLN A 152 -27.41 25.68 -23.52
CA GLN A 152 -28.36 24.83 -22.79
C GLN A 152 -28.85 23.65 -23.65
N ARG A 153 -29.23 23.91 -24.88
CA ARG A 153 -29.57 22.84 -25.82
C ARG A 153 -28.38 21.92 -26.16
N GLN A 154 -27.17 22.48 -26.25
CA GLN A 154 -26.04 21.67 -26.65
C GLN A 154 -25.58 20.79 -25.53
N GLN A 155 -25.44 21.38 -24.35
CA GLN A 155 -25.08 20.64 -23.16
C GLN A 155 -25.97 19.41 -23.12
N GLN A 156 -27.28 19.60 -23.19
CA GLN A 156 -28.17 18.47 -23.01
C GLN A 156 -28.01 17.37 -24.05
N ILE A 157 -27.58 17.69 -25.28
CA ILE A 157 -27.28 16.63 -26.25
C ILE A 157 -25.89 16.03 -26.09
N ILE A 158 -24.91 16.83 -25.73
CA ILE A 158 -23.64 16.24 -25.47
C ILE A 158 -23.83 15.27 -24.26
N LYS A 159 -24.58 15.69 -23.25
CA LYS A 159 -24.91 14.85 -22.10
C LYS A 159 -25.51 13.51 -22.52
N SER A 160 -26.56 13.59 -23.34
CA SER A 160 -27.20 12.44 -23.91
C SER A 160 -26.26 11.55 -24.72
N GLY A 161 -25.34 12.18 -25.46
CA GLY A 161 -24.48 11.40 -26.32
C GLY A 161 -23.63 10.48 -25.46
N LEU A 162 -22.87 11.09 -24.56
CA LEU A 162 -22.07 10.31 -23.64
C LEU A 162 -22.88 9.21 -22.95
N SER A 163 -24.10 9.54 -22.60
CA SER A 163 -24.98 8.56 -21.97
C SER A 163 -25.18 7.31 -22.80
N LEU A 164 -25.31 7.48 -24.10
CA LEU A 164 -25.42 6.37 -25.05
C LEU A 164 -24.14 5.53 -24.99
N ALA A 165 -23.01 6.21 -25.01
CA ALA A 165 -21.69 5.56 -24.95
C ALA A 165 -21.61 4.70 -23.72
N ILE A 166 -22.04 5.29 -22.62
CA ILE A 166 -21.87 4.66 -21.33
C ILE A 166 -22.73 3.43 -21.23
N VAL A 167 -24.01 3.58 -21.52
CA VAL A 167 -24.86 2.41 -21.46
C VAL A 167 -24.47 1.31 -22.48
N GLU A 168 -23.97 1.70 -23.65
CA GLU A 168 -23.39 0.68 -24.52
C GLU A 168 -22.24 -0.05 -23.84
N ILE A 169 -21.30 0.71 -23.27
CA ILE A 169 -20.15 0.06 -22.66
C ILE A 169 -20.62 -0.99 -21.70
N CYS A 170 -21.59 -0.62 -20.88
CA CYS A 170 -22.08 -1.49 -19.83
C CYS A 170 -22.69 -2.77 -20.36
N ASN A 171 -23.42 -2.66 -21.47
CA ASN A 171 -24.07 -3.81 -22.11
C ASN A 171 -23.04 -4.74 -22.76
N GLU A 172 -21.82 -4.26 -22.95
CA GLU A 172 -20.75 -5.17 -23.37
C GLU A 172 -20.16 -5.89 -22.14
N LEU A 173 -19.85 -5.12 -21.10
CA LEU A 173 -19.33 -5.65 -19.84
C LEU A 173 -20.06 -6.89 -19.30
N GLY A 174 -21.36 -7.03 -19.60
CA GLY A 174 -22.14 -8.14 -19.10
C GLY A 174 -22.21 -9.30 -20.08
N LYS A 175 -21.96 -9.00 -21.35
CA LYS A 175 -22.34 -9.88 -22.47
C LYS A 175 -21.55 -11.18 -22.46
N ASN B 7 15.28 -35.81 -17.61
CA ASN B 7 16.05 -35.51 -16.36
C ASN B 7 16.24 -33.98 -16.20
N ILE B 8 16.68 -33.35 -17.30
CA ILE B 8 17.01 -31.90 -17.41
C ILE B 8 16.47 -30.97 -16.30
N ASN B 9 15.32 -30.36 -16.55
CA ASN B 9 14.71 -29.39 -15.66
C ASN B 9 14.73 -29.82 -14.19
N GLU B 10 14.35 -31.06 -13.96
CA GLU B 10 14.29 -31.62 -12.61
C GLU B 10 15.67 -31.66 -11.99
N SER B 11 16.58 -32.44 -12.56
CA SER B 11 17.95 -32.51 -12.03
C SER B 11 18.60 -31.13 -11.79
N GLU B 12 18.32 -30.15 -12.65
CA GLU B 12 18.82 -28.78 -12.47
C GLU B 12 18.40 -28.27 -11.10
N ILE B 13 17.09 -28.21 -10.89
CA ILE B 13 16.52 -27.58 -9.70
C ILE B 13 16.82 -28.40 -8.46
N ILE B 14 16.83 -29.71 -8.55
CA ILE B 14 17.12 -30.50 -7.38
C ILE B 14 18.62 -30.44 -7.08
N GLU B 15 19.41 -30.24 -8.11
CA GLU B 15 20.81 -29.93 -7.88
C GLU B 15 20.89 -28.63 -7.09
N ARG B 16 20.20 -27.62 -7.57
CA ARG B 16 20.06 -26.37 -6.83
C ARG B 16 19.61 -26.54 -5.37
N LEU B 17 18.69 -27.45 -5.09
CA LEU B 17 18.24 -27.62 -3.72
C LEU B 17 19.25 -28.34 -2.84
N ASN B 18 19.95 -29.31 -3.43
CA ASN B 18 21.04 -29.97 -2.74
C ASN B 18 22.10 -28.99 -2.23
N SER B 19 22.71 -28.26 -3.19
CA SER B 19 23.53 -27.07 -2.96
C SER B 19 23.20 -26.28 -1.71
N ALA B 20 21.92 -26.16 -1.38
CA ALA B 20 21.57 -25.39 -0.20
C ALA B 20 22.23 -26.00 1.04
N PRO B 21 23.14 -25.23 1.71
CA PRO B 21 23.84 -25.79 2.89
C PRO B 21 22.87 -26.03 4.06
N SER B 22 21.91 -25.12 4.30
CA SER B 22 21.12 -25.20 5.52
C SER B 22 19.66 -25.24 5.23
N VAL B 23 18.90 -25.40 6.30
CA VAL B 23 17.46 -25.44 6.24
C VAL B 23 16.93 -24.09 5.76
N ARG B 24 17.31 -23.01 6.44
CA ARG B 24 16.96 -21.67 5.99
C ARG B 24 17.45 -21.50 4.54
N GLY B 25 18.64 -22.00 4.24
CA GLY B 25 19.16 -21.89 2.88
C GLY B 25 18.16 -22.62 2.01
N PHE B 26 17.88 -23.87 2.33
CA PHE B 26 17.01 -24.64 1.53
C PHE B 26 15.69 -23.91 1.23
N PHE B 27 14.95 -23.57 2.26
CA PHE B 27 13.66 -22.90 2.04
C PHE B 27 13.77 -21.63 1.20
N ILE B 28 14.83 -20.85 1.38
CA ILE B 28 14.98 -19.68 0.54
C ILE B 28 15.02 -20.16 -0.93
N ALA B 29 15.80 -21.20 -1.21
CA ALA B 29 15.96 -21.64 -2.57
C ALA B 29 14.66 -22.19 -3.14
N THR B 30 13.83 -22.76 -2.29
CA THR B 30 12.63 -23.33 -2.86
C THR B 30 11.55 -22.31 -3.20
N VAL B 31 11.34 -21.31 -2.34
CA VAL B 31 10.43 -20.25 -2.72
C VAL B 31 10.97 -19.51 -3.95
N ASP B 32 12.28 -19.30 -4.01
CA ASP B 32 12.86 -18.76 -5.21
C ASP B 32 12.45 -19.60 -6.37
N VAL B 33 12.65 -20.92 -6.25
CA VAL B 33 12.26 -21.82 -7.33
C VAL B 33 10.81 -21.63 -7.78
N PHE B 34 9.90 -21.69 -6.82
CA PHE B 34 8.47 -21.43 -7.07
C PHE B 34 8.24 -20.07 -7.70
N ASN B 35 8.90 -19.08 -7.15
CA ASN B 35 8.76 -17.76 -7.66
C ASN B 35 8.95 -17.74 -9.16
N GLU B 36 10.06 -18.29 -9.63
CA GLU B 36 10.35 -18.39 -11.04
C GLU B 36 9.29 -19.20 -11.76
N SER B 37 8.76 -20.19 -11.07
CA SER B 37 7.92 -21.15 -11.71
C SER B 37 6.55 -20.63 -11.94
N ILE B 38 6.03 -19.83 -11.01
CA ILE B 38 4.74 -19.21 -11.28
C ILE B 38 4.94 -17.92 -12.09
N ASP B 39 6.12 -17.35 -12.02
CA ASP B 39 6.32 -16.20 -12.88
C ASP B 39 6.35 -16.60 -14.35
N GLY B 40 6.60 -17.89 -14.62
CA GLY B 40 6.56 -18.41 -15.98
C GLY B 40 5.11 -18.59 -16.40
N LEU B 41 4.28 -18.78 -15.40
CA LEU B 41 2.91 -19.02 -15.64
C LEU B 41 2.25 -17.66 -15.82
N ILE B 42 2.39 -16.76 -14.83
CA ILE B 42 1.84 -15.41 -14.91
C ILE B 42 2.11 -14.90 -16.30
N GLN B 43 3.31 -15.14 -16.80
CA GLN B 43 3.66 -14.66 -18.11
C GLN B 43 2.98 -15.41 -19.25
N ARG B 44 2.55 -16.65 -19.02
CA ARG B 44 1.86 -17.39 -20.07
C ARG B 44 0.40 -16.94 -20.16
N ILE B 45 -0.09 -16.20 -19.17
CA ILE B 45 -1.52 -15.87 -19.17
C ILE B 45 -1.77 -14.42 -19.53
N PHE B 46 -0.77 -13.56 -19.33
CA PHE B 46 -0.82 -12.17 -19.76
C PHE B 46 -0.11 -12.06 -21.07
N ARG B 47 -0.88 -11.81 -22.12
CA ARG B 47 -0.38 -11.91 -23.48
C ARG B 47 1.06 -11.45 -23.55
N LYS B 48 1.93 -12.45 -23.50
CA LYS B 48 3.37 -12.34 -23.64
C LYS B 48 3.82 -11.12 -24.44
N ASP B 49 2.98 -10.62 -25.34
CA ASP B 49 3.50 -9.80 -26.44
C ASP B 49 3.13 -8.33 -26.55
N ASN B 50 1.87 -7.98 -26.80
CA ASN B 50 1.59 -6.58 -27.16
C ASN B 50 2.42 -5.64 -26.32
N PHE B 51 3.18 -4.77 -26.99
CA PHE B 51 3.95 -3.76 -26.28
C PHE B 51 3.01 -2.72 -25.66
N ALA B 52 1.94 -2.42 -26.41
CA ALA B 52 0.79 -1.68 -25.86
C ALA B 52 0.31 -2.29 -24.55
N VAL B 53 -0.01 -3.59 -24.59
CA VAL B 53 -0.57 -4.31 -23.43
C VAL B 53 0.44 -4.54 -22.29
N GLN B 54 1.71 -4.72 -22.63
CA GLN B 54 2.71 -4.83 -21.60
C GLN B 54 2.86 -3.51 -20.85
N SER B 55 2.58 -2.41 -21.56
CA SER B 55 2.50 -1.08 -20.95
C SER B 55 1.48 -0.92 -19.78
N VAL B 56 0.50 -1.82 -19.70
CA VAL B 56 -0.31 -1.96 -18.48
C VAL B 56 0.23 -3.08 -17.59
N VAL B 57 0.57 -4.18 -18.21
CA VAL B 57 0.79 -5.40 -17.51
C VAL B 57 2.09 -5.37 -16.73
N GLY B 58 3.15 -4.90 -17.36
CA GLY B 58 4.47 -4.83 -16.73
C GLY B 58 4.44 -4.22 -15.35
N PRO B 59 3.96 -2.99 -15.23
CA PRO B 59 3.76 -2.27 -13.97
C PRO B 59 2.89 -3.04 -13.03
N LEU B 60 1.87 -3.67 -13.58
CA LEU B 60 0.93 -4.38 -12.76
C LEU B 60 1.65 -5.46 -11.99
N LEU B 61 2.74 -5.95 -12.59
CA LEU B 61 3.38 -7.17 -12.15
C LEU B 61 4.79 -6.92 -11.62
N GLN B 62 5.31 -5.71 -11.80
CA GLN B 62 6.57 -5.37 -11.15
C GLN B 62 6.48 -5.51 -9.60
N ASP B 63 7.63 -5.52 -8.95
CA ASP B 63 7.71 -5.62 -7.49
C ASP B 63 6.75 -4.66 -6.74
N SER B 64 6.82 -3.37 -7.08
CA SER B 64 6.00 -2.34 -6.48
C SER B 64 4.54 -2.44 -6.90
N GLY B 65 4.25 -3.32 -7.86
CA GLY B 65 2.93 -3.37 -8.44
C GLY B 65 2.04 -4.14 -7.52
N PRO B 66 0.73 -3.95 -7.65
CA PRO B 66 -0.28 -4.73 -6.93
C PRO B 66 -0.18 -6.24 -7.12
N LEU B 67 0.36 -6.68 -8.24
CA LEU B 67 0.62 -8.11 -8.38
C LEU B 67 2.12 -8.44 -8.36
N GLY B 68 2.91 -7.63 -7.69
CA GLY B 68 4.34 -7.86 -7.67
C GLY B 68 4.64 -9.11 -6.87
N ASP B 69 3.97 -9.24 -5.72
CA ASP B 69 4.32 -10.23 -4.71
C ASP B 69 3.80 -11.66 -4.95
N LEU B 70 4.75 -12.60 -4.87
CA LEU B 70 4.48 -14.03 -5.00
C LEU B 70 3.19 -14.49 -4.33
N SER B 71 2.96 -14.12 -3.07
CA SER B 71 1.77 -14.66 -2.40
C SER B 71 0.43 -14.25 -3.08
N VAL B 72 0.22 -12.95 -3.26
CA VAL B 72 -0.84 -12.39 -4.10
C VAL B 72 -0.86 -13.08 -5.48
N ARG B 73 0.29 -13.23 -6.13
CA ARG B 73 0.28 -13.90 -7.44
C ARG B 73 -0.33 -15.28 -7.34
N LEU B 74 -0.09 -15.97 -6.22
CA LEU B 74 -0.74 -17.28 -6.04
C LEU B 74 -2.25 -17.13 -5.92
N LYS B 75 -2.68 -16.25 -5.00
CA LYS B 75 -4.11 -16.08 -4.72
C LYS B 75 -4.88 -15.84 -6.03
N LEU B 76 -4.31 -14.99 -6.87
CA LEU B 76 -4.87 -14.66 -8.16
C LEU B 76 -5.07 -15.93 -8.94
N LEU B 77 -3.96 -16.56 -9.30
CA LEU B 77 -3.98 -17.75 -10.13
C LEU B 77 -4.96 -18.79 -9.59
N PHE B 78 -4.99 -18.91 -8.27
CA PHE B 78 -5.90 -19.84 -7.63
C PHE B 78 -7.31 -19.34 -7.87
N GLY B 79 -7.57 -18.11 -7.46
CA GLY B 79 -8.90 -17.50 -7.62
C GLY B 79 -9.39 -17.65 -9.04
N LEU B 80 -8.46 -17.47 -9.97
CA LEU B 80 -8.72 -17.44 -11.39
C LEU B 80 -8.97 -18.83 -11.94
N GLY B 81 -9.00 -19.82 -11.06
CA GLY B 81 -9.22 -21.20 -11.49
C GLY B 81 -8.06 -21.76 -12.30
N VAL B 82 -6.85 -21.29 -12.04
CA VAL B 82 -5.74 -21.80 -12.81
C VAL B 82 -4.91 -22.82 -12.01
N LEU B 83 -4.68 -22.58 -10.71
CA LEU B 83 -4.05 -23.61 -9.87
C LEU B 83 -5.06 -24.50 -9.17
N PRO B 84 -4.76 -25.79 -9.06
CA PRO B 84 -5.56 -26.68 -8.20
C PRO B 84 -5.39 -26.36 -6.70
N ASP B 85 -6.44 -26.62 -5.91
CA ASP B 85 -6.46 -26.38 -4.47
C ASP B 85 -5.18 -26.83 -3.82
N ASP B 86 -4.89 -28.10 -4.06
CA ASP B 86 -3.80 -28.81 -3.42
C ASP B 86 -2.47 -28.22 -3.69
N ILE B 87 -2.30 -27.65 -4.87
CA ILE B 87 -1.07 -26.94 -5.16
C ILE B 87 -1.05 -25.54 -4.55
N TYR B 88 -2.22 -24.90 -4.51
CA TYR B 88 -2.26 -23.54 -4.00
C TYR B 88 -1.77 -23.60 -2.55
N HIS B 89 -2.36 -24.56 -1.82
CA HIS B 89 -2.12 -24.68 -0.38
C HIS B 89 -0.66 -25.06 -0.09
N ASP B 90 -0.14 -26.03 -0.84
CA ASP B 90 1.22 -26.44 -0.61
C ASP B 90 2.18 -25.27 -0.78
N ILE B 91 2.15 -24.63 -1.95
CA ILE B 91 3.02 -23.51 -2.10
C ILE B 91 2.85 -22.48 -0.99
N GLU B 92 1.59 -22.11 -0.67
CA GLU B 92 1.38 -21.12 0.39
C GLU B 92 1.98 -21.61 1.67
N ASP B 93 1.88 -22.89 1.91
CA ASP B 93 2.28 -23.39 3.19
C ASP B 93 3.77 -23.30 3.35
N ILE B 94 4.48 -23.53 2.25
CA ILE B 94 5.93 -23.47 2.20
C ILE B 94 6.38 -22.04 2.26
N ILE B 95 5.67 -21.14 1.60
CA ILE B 95 6.11 -19.76 1.70
C ILE B 95 6.09 -19.32 3.16
N LYS B 96 4.99 -19.68 3.84
CA LYS B 96 4.74 -19.29 5.22
C LYS B 96 5.76 -19.94 6.15
N LEU B 97 6.19 -21.14 5.81
CA LEU B 97 7.21 -21.73 6.62
C LEU B 97 8.50 -20.92 6.45
N LYS B 98 8.90 -20.61 5.22
CA LYS B 98 10.15 -19.87 5.00
C LYS B 98 10.10 -18.59 5.82
N ASN B 99 8.99 -17.88 5.79
CA ASN B 99 8.94 -16.66 6.58
C ASN B 99 9.13 -16.83 8.09
N HIS B 100 8.47 -17.83 8.67
CA HIS B 100 8.67 -18.19 10.06
C HIS B 100 10.18 -18.30 10.32
N LEU B 101 10.86 -19.13 9.51
CA LEU B 101 12.27 -19.46 9.80
C LEU B 101 13.09 -18.21 9.64
N ASN B 102 12.75 -17.49 8.59
CA ASN B 102 13.39 -16.21 8.39
C ASN B 102 13.16 -15.16 9.44
N SER B 103 12.09 -15.30 10.23
CA SER B 103 11.88 -14.52 11.44
C SER B 103 12.57 -15.08 12.66
N ASP B 104 13.05 -16.33 12.57
CA ASP B 104 13.46 -17.07 13.75
C ASP B 104 14.96 -17.08 13.95
N ALA B 105 15.37 -16.73 15.15
CA ALA B 105 16.76 -16.58 15.42
C ALA B 105 17.39 -17.92 15.57
N SER B 106 16.61 -18.94 15.94
CA SER B 106 17.17 -20.26 16.19
C SER B 106 17.19 -21.01 14.87
N ASP B 107 18.20 -21.85 14.67
CA ASP B 107 18.23 -22.73 13.49
C ASP B 107 17.46 -24.01 13.78
N TYR B 108 16.93 -24.66 12.74
CA TYR B 108 16.42 -26.00 12.93
C TYR B 108 16.95 -26.95 11.87
N GLU B 109 16.55 -28.21 12.00
CA GLU B 109 17.00 -29.32 11.16
C GLU B 109 15.77 -30.04 10.60
N PHE B 110 15.93 -30.71 9.46
CA PHE B 110 14.79 -31.28 8.78
C PHE B 110 14.14 -32.34 9.64
N THR B 111 14.93 -32.85 10.58
CA THR B 111 14.50 -33.88 11.52
C THR B 111 13.73 -33.31 12.70
N ASP B 112 13.59 -31.98 12.76
CA ASP B 112 12.98 -31.32 13.92
C ASP B 112 11.48 -31.14 13.78
N PRO B 113 10.75 -31.29 14.89
CA PRO B 113 9.29 -31.38 14.90
C PRO B 113 8.63 -30.26 14.14
N ASN B 114 9.14 -29.04 14.32
CA ASN B 114 8.51 -27.87 13.75
C ASN B 114 8.87 -27.65 12.29
N ILE B 115 9.66 -28.57 11.75
CA ILE B 115 9.92 -28.59 10.32
C ILE B 115 9.27 -29.80 9.71
N LEU B 116 9.60 -30.96 10.25
CA LEU B 116 9.17 -32.25 9.70
C LEU B 116 7.66 -32.34 9.66
N GLU B 117 7.03 -31.90 10.74
CA GLU B 117 5.60 -31.93 10.84
C GLU B 117 4.95 -31.03 9.79
N PRO B 118 5.34 -29.75 9.70
CA PRO B 118 4.85 -29.04 8.52
C PRO B 118 4.95 -29.86 7.26
N ILE B 119 6.09 -30.47 7.01
CA ILE B 119 6.22 -31.07 5.71
C ILE B 119 5.38 -32.31 5.50
N LYS B 120 4.89 -32.89 6.58
CA LYS B 120 4.05 -34.05 6.47
C LYS B 120 2.63 -33.66 6.02
N LYS B 121 2.20 -32.48 6.47
CA LYS B 121 0.83 -32.00 6.27
C LYS B 121 0.60 -31.72 4.82
N LEU B 122 1.67 -31.42 4.10
CA LEU B 122 1.66 -31.02 2.72
C LEU B 122 1.06 -32.06 1.83
N HIS B 123 0.05 -31.64 1.07
CA HIS B 123 -0.73 -32.56 0.23
C HIS B 123 0.13 -33.50 -0.59
N LEU B 124 1.21 -32.97 -1.19
CA LEU B 124 2.04 -33.72 -2.12
C LEU B 124 2.93 -34.74 -1.48
N VAL B 125 3.28 -34.55 -0.22
CA VAL B 125 4.02 -35.62 0.40
C VAL B 125 3.03 -36.68 0.86
N LYS B 126 1.75 -36.31 0.93
CA LYS B 126 0.73 -37.29 1.23
C LYS B 126 0.46 -38.09 -0.04
N LYS B 127 0.67 -37.44 -1.20
CA LYS B 127 0.50 -38.09 -2.51
C LYS B 127 1.64 -39.04 -2.88
N MSE B 128 2.86 -38.60 -2.59
CA MSE B 128 4.06 -39.34 -2.93
C MSE B 128 4.47 -40.29 -1.81
O MSE B 128 5.36 -41.13 -1.98
CB MSE B 128 5.18 -38.36 -3.27
CG MSE B 128 4.84 -37.50 -4.46
SE MSE B 128 6.38 -36.56 -5.23
CE MSE B 128 7.13 -38.06 -6.28
N GLY B 129 3.82 -40.16 -0.68
CA GLY B 129 4.19 -40.91 0.49
C GLY B 129 5.54 -40.45 0.93
N MSE B 130 6.01 -41.01 2.00
CA MSE B 130 7.25 -40.54 2.50
C MSE B 130 8.10 -41.67 3.03
O MSE B 130 7.58 -42.72 3.37
CB MSE B 130 7.01 -39.52 3.59
CG MSE B 130 8.30 -38.90 4.02
SE MSE B 130 7.94 -37.33 5.07
CE MSE B 130 6.49 -38.12 6.17
N VAL B 131 9.40 -41.41 3.07
CA VAL B 131 10.37 -42.36 3.54
C VAL B 131 11.18 -41.63 4.58
N GLN B 132 11.51 -42.34 5.65
CA GLN B 132 12.21 -41.77 6.79
C GLN B 132 13.02 -42.90 7.33
N LEU B 133 14.24 -42.60 7.75
CA LEU B 133 15.10 -43.56 8.40
C LEU B 133 14.75 -43.64 9.89
N GLU B 134 14.53 -44.86 10.42
CA GLU B 134 14.23 -45.03 11.88
C GLU B 134 15.19 -44.23 12.76
N VAL B 135 14.68 -43.58 13.80
CA VAL B 135 15.57 -42.76 14.65
C VAL B 135 16.49 -43.54 15.61
N ASN B 136 17.38 -42.80 16.26
CA ASN B 136 18.10 -43.26 17.46
C ASN B 136 17.18 -43.58 18.64
N GLU B 137 17.32 -44.80 19.16
CA GLU B 137 16.70 -45.22 20.43
C GLU B 137 17.81 -45.76 21.33
N PRO B 138 17.72 -45.45 22.64
CA PRO B 138 18.62 -46.05 23.64
C PRO B 138 18.58 -47.58 23.62
N ASP B 139 19.77 -48.18 23.79
CA ASP B 139 20.00 -49.62 23.67
C ASP B 139 19.34 -50.29 22.43
N ASP B 140 19.24 -49.57 21.32
CA ASP B 140 18.89 -50.17 20.05
C ASP B 140 20.24 -50.50 19.37
N ASP B 141 20.27 -50.97 18.11
CA ASP B 141 21.54 -51.47 17.50
C ASP B 141 22.56 -50.41 17.10
N ILE B 142 22.11 -49.17 16.91
CA ILE B 142 22.97 -48.07 16.51
C ILE B 142 24.09 -47.74 17.50
N ASP B 143 25.33 -47.67 16.98
CA ASP B 143 26.52 -47.35 17.78
C ASP B 143 26.74 -45.85 17.85
N LEU B 144 27.25 -45.38 18.98
CA LEU B 144 27.28 -43.96 19.22
C LEU B 144 28.38 -43.24 18.48
N GLU B 145 29.37 -43.96 17.99
CA GLU B 145 30.28 -43.29 17.07
C GLU B 145 29.54 -42.85 15.78
N PHE B 146 28.59 -43.65 15.33
CA PHE B 146 27.81 -43.26 14.16
C PHE B 146 26.58 -42.40 14.46
N TYR B 147 26.25 -42.28 15.75
CA TYR B 147 25.00 -41.64 16.14
C TYR B 147 24.77 -40.37 15.32
N GLN B 148 25.86 -39.63 15.08
CA GLN B 148 25.78 -38.33 14.41
C GLN B 148 25.68 -38.37 12.90
N LEU B 149 26.55 -39.14 12.28
CA LEU B 149 26.53 -39.28 10.84
C LEU B 149 25.17 -39.85 10.48
N GLN B 150 24.63 -40.71 11.34
CA GLN B 150 23.32 -41.28 11.02
C GLN B 150 22.21 -40.21 11.05
N LEU B 151 22.28 -39.30 12.03
CA LEU B 151 21.35 -38.19 12.17
C LEU B 151 21.42 -37.22 10.95
N GLN B 152 22.63 -36.91 10.48
CA GLN B 152 22.79 -36.19 9.23
C GLN B 152 22.09 -36.93 8.14
N ARG B 153 22.16 -38.25 8.18
CA ARG B 153 21.65 -39.07 7.09
C ARG B 153 20.12 -39.06 7.05
N GLN B 154 19.48 -39.04 8.23
CA GLN B 154 18.02 -38.81 8.31
C GLN B 154 17.60 -37.53 7.65
N GLN B 155 18.35 -36.50 7.91
CA GLN B 155 18.09 -35.18 7.41
C GLN B 155 18.14 -35.15 5.89
N GLN B 156 19.25 -35.61 5.32
CA GLN B 156 19.38 -35.71 3.86
C GLN B 156 18.26 -36.56 3.18
N ILE B 157 17.70 -37.52 3.89
CA ILE B 157 16.60 -38.31 3.33
C ILE B 157 15.32 -37.49 3.27
N ILE B 158 14.94 -36.93 4.40
CA ILE B 158 13.80 -36.05 4.46
C ILE B 158 13.90 -34.93 3.43
N LYS B 159 15.05 -34.26 3.37
CA LYS B 159 15.24 -33.10 2.51
C LYS B 159 15.07 -33.53 1.07
N SER B 160 15.53 -34.73 0.77
CA SER B 160 15.44 -35.19 -0.61
C SER B 160 14.01 -35.50 -1.03
N GLY B 161 13.22 -36.06 -0.13
CA GLY B 161 11.80 -36.27 -0.36
C GLY B 161 11.14 -34.94 -0.66
N LEU B 162 11.44 -33.95 0.16
CA LEU B 162 10.89 -32.63 -0.03
C LEU B 162 11.28 -32.09 -1.39
N SER B 163 12.51 -32.39 -1.80
CA SER B 163 12.98 -31.82 -3.01
C SER B 163 12.20 -32.41 -4.19
N LEU B 164 11.92 -33.69 -4.10
CA LEU B 164 11.10 -34.32 -5.11
C LEU B 164 9.67 -33.75 -5.17
N ALA B 165 9.13 -33.32 -4.02
CA ALA B 165 7.79 -32.74 -3.95
C ALA B 165 7.76 -31.43 -4.74
N ILE B 166 8.60 -30.52 -4.31
CA ILE B 166 8.93 -29.31 -5.04
C ILE B 166 9.12 -29.52 -6.55
N VAL B 167 9.94 -30.47 -6.96
CA VAL B 167 10.11 -30.74 -8.39
C VAL B 167 8.77 -31.11 -9.03
N GLU B 168 7.95 -31.87 -8.31
CA GLU B 168 6.71 -32.31 -8.90
C GLU B 168 5.82 -31.08 -9.07
N ILE B 169 5.86 -30.23 -8.07
CA ILE B 169 5.03 -29.10 -8.06
C ILE B 169 5.30 -28.22 -9.26
N CYS B 170 6.58 -28.02 -9.59
CA CYS B 170 6.94 -27.16 -10.71
C CYS B 170 6.55 -27.80 -12.03
N ASN B 171 6.64 -29.12 -12.09
CA ASN B 171 6.09 -29.79 -13.24
C ASN B 171 4.62 -29.57 -13.49
N GLU B 172 3.84 -29.43 -12.42
CA GLU B 172 2.39 -29.25 -12.62
C GLU B 172 2.18 -27.85 -13.12
N LEU B 173 2.87 -26.91 -12.48
CA LEU B 173 2.86 -25.51 -12.85
C LEU B 173 3.31 -25.26 -14.27
N GLY B 174 3.97 -26.24 -14.87
CA GLY B 174 4.54 -26.13 -16.19
C GLY B 174 3.56 -26.55 -17.28
N LYS B 175 2.67 -27.48 -16.92
CA LYS B 175 1.59 -27.93 -17.79
C LYS B 175 0.55 -26.81 -17.97
N ASN C 9 18.73 -6.50 30.87
CA ASN C 9 18.38 -5.76 29.62
C ASN C 9 19.63 -5.18 28.93
N GLU C 10 20.50 -4.57 29.74
CA GLU C 10 21.84 -4.15 29.34
C GLU C 10 22.66 -5.39 28.93
N SER C 11 22.62 -6.42 29.79
CA SER C 11 23.47 -7.61 29.65
C SER C 11 22.81 -8.77 28.86
N GLU C 12 21.49 -8.86 29.00
CA GLU C 12 20.71 -9.90 28.35
C GLU C 12 20.85 -9.82 26.82
N ILE C 13 21.17 -8.65 26.29
CA ILE C 13 21.24 -8.60 24.87
C ILE C 13 22.47 -9.35 24.43
N ILE C 14 23.61 -9.12 25.08
CA ILE C 14 24.80 -9.91 24.74
C ILE C 14 24.45 -11.40 24.79
N GLU C 15 23.71 -11.81 25.80
CA GLU C 15 23.29 -13.21 25.90
C GLU C 15 22.50 -13.56 24.64
N ARG C 16 21.52 -12.72 24.33
CA ARG C 16 20.63 -12.92 23.19
C ARG C 16 21.37 -13.26 21.91
N LEU C 17 22.40 -12.48 21.61
CA LEU C 17 23.13 -12.58 20.36
C LEU C 17 24.04 -13.80 20.26
N ASN C 18 24.60 -14.23 21.40
CA ASN C 18 25.58 -15.32 21.43
C ASN C 18 24.95 -16.70 21.19
N SER C 19 23.71 -16.84 21.67
CA SER C 19 22.94 -18.05 21.49
C SER C 19 22.41 -18.24 20.05
N ALA C 20 22.59 -17.23 19.18
CA ALA C 20 22.44 -17.40 17.72
C ALA C 20 23.65 -18.19 17.17
N PRO C 21 23.38 -19.41 16.68
CA PRO C 21 24.49 -20.27 16.36
C PRO C 21 24.86 -20.15 14.87
N SER C 22 24.49 -19.03 14.24
CA SER C 22 24.78 -18.87 12.83
C SER C 22 24.62 -17.43 12.41
N VAL C 23 25.22 -17.11 11.27
CA VAL C 23 25.22 -15.75 10.77
C VAL C 23 23.86 -15.17 10.50
N ARG C 24 22.97 -15.86 9.75
CA ARG C 24 21.66 -15.24 9.47
C ARG C 24 20.83 -15.21 10.72
N GLY C 25 20.91 -16.28 11.51
CA GLY C 25 20.33 -16.27 12.86
C GLY C 25 20.77 -15.02 13.63
N PHE C 26 22.08 -14.85 13.76
CA PHE C 26 22.62 -13.72 14.50
C PHE C 26 21.88 -12.47 14.06
N PHE C 27 21.99 -12.13 12.78
CA PHE C 27 21.36 -10.99 12.22
C PHE C 27 19.86 -10.86 12.49
N ILE C 28 19.13 -11.98 12.37
CA ILE C 28 17.73 -11.96 12.69
C ILE C 28 17.57 -11.45 14.15
N ALA C 29 18.40 -11.96 15.05
CA ALA C 29 18.33 -11.53 16.45
C ALA C 29 18.75 -10.09 16.63
N THR C 30 19.53 -9.55 15.71
CA THR C 30 20.01 -8.23 16.02
C THR C 30 18.94 -7.19 15.66
N VAL C 31 18.36 -7.25 14.46
CA VAL C 31 17.27 -6.35 14.21
C VAL C 31 16.12 -6.67 15.17
N ASP C 32 15.93 -7.93 15.52
CA ASP C 32 15.04 -8.17 16.65
C ASP C 32 15.28 -7.17 17.81
N VAL C 33 16.53 -6.88 18.14
CA VAL C 33 16.83 -6.15 19.38
C VAL C 33 16.62 -4.68 19.13
N PHE C 34 17.11 -4.23 17.99
CA PHE C 34 16.90 -2.85 17.57
C PHE C 34 15.43 -2.55 17.50
N ASN C 35 14.62 -3.48 16.99
CA ASN C 35 13.17 -3.32 17.01
C ASN C 35 12.55 -3.00 18.38
N GLU C 36 13.03 -3.62 19.43
CA GLU C 36 12.48 -3.34 20.73
C GLU C 36 13.06 -2.03 21.25
N SER C 37 14.28 -1.75 20.82
CA SER C 37 14.94 -0.53 21.16
C SER C 37 14.23 0.66 20.56
N ILE C 38 14.05 0.71 19.23
CA ILE C 38 13.36 1.89 18.72
C ILE C 38 11.90 1.87 19.14
N ASP C 39 11.35 0.69 19.38
CA ASP C 39 10.00 0.63 19.88
C ASP C 39 9.89 1.41 21.21
N GLY C 40 10.84 1.21 22.11
CA GLY C 40 10.84 1.94 23.38
C GLY C 40 10.82 3.42 23.05
N LEU C 41 11.51 3.79 21.99
CA LEU C 41 11.81 5.17 21.75
C LEU C 41 10.63 5.86 21.06
N ILE C 42 9.97 5.11 20.18
CA ILE C 42 8.76 5.53 19.49
C ILE C 42 7.75 5.80 20.54
N GLN C 43 7.69 4.95 21.55
CA GLN C 43 6.73 5.15 22.61
C GLN C 43 6.88 6.49 23.32
N ARG C 44 8.11 6.86 23.71
CA ARG C 44 8.28 8.01 24.62
C ARG C 44 7.89 9.34 23.96
N ILE C 45 7.92 9.40 22.63
CA ILE C 45 7.54 10.64 21.93
C ILE C 45 6.11 10.71 21.39
N PHE C 46 5.34 9.66 21.61
CA PHE C 46 3.95 9.76 21.30
C PHE C 46 3.16 9.82 22.57
N ARG C 47 2.37 10.90 22.68
CA ARG C 47 1.40 11.10 23.74
C ARG C 47 1.07 9.76 24.35
N LYS C 48 1.63 9.56 25.55
CA LYS C 48 1.63 8.27 26.24
C LYS C 48 0.33 8.09 26.99
N ASP C 49 -0.26 9.19 27.42
CA ASP C 49 -1.48 9.09 28.20
C ASP C 49 -2.63 8.96 27.21
N ASN C 50 -3.79 9.47 27.60
CA ASN C 50 -5.00 9.50 26.77
C ASN C 50 -5.27 8.26 25.96
N PHE C 51 -6.03 7.32 26.52
CA PHE C 51 -6.51 6.23 25.70
C PHE C 51 -7.13 6.84 24.44
N ALA C 52 -7.90 7.93 24.61
CA ALA C 52 -8.38 8.76 23.48
C ALA C 52 -7.28 9.10 22.44
N VAL C 53 -6.10 9.49 22.88
CA VAL C 53 -4.97 9.68 21.95
C VAL C 53 -4.47 8.31 21.40
N GLN C 54 -4.62 7.25 22.18
CA GLN C 54 -4.13 5.93 21.74
C GLN C 54 -5.01 5.38 20.66
N SER C 55 -6.26 5.87 20.65
CA SER C 55 -7.23 5.61 19.59
C SER C 55 -6.80 6.05 18.19
N VAL C 56 -5.89 7.03 18.08
CA VAL C 56 -5.24 7.34 16.79
C VAL C 56 -3.82 6.82 16.74
N VAL C 57 -3.07 7.11 17.79
CA VAL C 57 -1.70 6.65 17.92
C VAL C 57 -1.56 5.14 17.80
N GLY C 58 -2.37 4.40 18.56
CA GLY C 58 -2.33 2.94 18.51
C GLY C 58 -2.33 2.48 17.06
N PRO C 59 -3.46 2.68 16.36
CA PRO C 59 -3.58 2.27 14.97
C PRO C 59 -2.42 2.74 14.09
N LEU C 60 -1.87 3.91 14.35
CA LEU C 60 -0.78 4.44 13.53
C LEU C 60 0.40 3.52 13.62
N LEU C 61 0.64 3.05 14.85
CA LEU C 61 1.91 2.41 15.22
C LEU C 61 1.83 0.90 15.22
N GLN C 62 0.63 0.35 15.07
CA GLN C 62 0.59 -1.10 14.95
C GLN C 62 1.24 -1.62 13.67
N ASP C 63 1.46 -2.92 13.61
CA ASP C 63 2.05 -3.57 12.44
C ASP C 63 1.68 -3.04 11.08
N SER C 64 0.39 -2.93 10.82
CA SER C 64 -0.07 -2.69 9.49
C SER C 64 -0.26 -1.19 9.24
N GLY C 65 -0.12 -0.42 10.30
CA GLY C 65 -0.34 1.02 10.21
C GLY C 65 0.82 1.67 9.45
N PRO C 66 0.68 2.94 9.14
CA PRO C 66 1.71 3.61 8.39
C PRO C 66 3.04 3.56 9.10
N LEU C 67 3.01 3.50 10.43
CA LEU C 67 4.29 3.47 11.12
C LEU C 67 4.60 2.12 11.78
N GLY C 68 4.08 1.03 11.24
CA GLY C 68 4.22 -0.22 11.97
C GLY C 68 5.34 -1.06 11.43
N ASP C 69 6.52 -0.47 11.35
CA ASP C 69 7.59 -0.98 10.50
C ASP C 69 8.88 -0.30 10.86
N LEU C 70 9.87 -1.11 11.18
CA LEU C 70 11.04 -0.61 11.80
C LEU C 70 11.70 0.39 10.89
N SER C 71 11.87 0.04 9.60
CA SER C 71 12.68 0.91 8.77
C SER C 71 11.98 2.24 8.69
N VAL C 72 10.67 2.20 8.62
CA VAL C 72 9.90 3.45 8.58
C VAL C 72 10.07 4.21 9.88
N ARG C 73 9.99 3.50 10.98
CA ARG C 73 10.16 4.17 12.26
C ARG C 73 11.52 4.86 12.38
N LEU C 74 12.54 4.32 11.72
CA LEU C 74 13.85 4.94 11.82
C LEU C 74 13.82 6.22 11.06
N LYS C 75 13.23 6.19 9.87
CA LYS C 75 13.28 7.35 9.07
C LYS C 75 12.56 8.50 9.81
N LEU C 76 11.38 8.22 10.38
CA LEU C 76 10.62 9.21 11.13
C LEU C 76 11.45 9.80 12.23
N LEU C 77 12.03 8.91 13.02
CA LEU C 77 12.84 9.27 14.13
C LEU C 77 14.01 10.13 13.72
N PHE C 78 14.53 9.84 12.53
CA PHE C 78 15.68 10.60 12.01
C PHE C 78 15.19 11.98 11.52
N GLY C 79 14.03 11.99 10.89
CA GLY C 79 13.44 13.24 10.46
C GLY C 79 13.13 14.19 11.58
N LEU C 80 12.62 13.63 12.67
CA LEU C 80 12.12 14.45 13.75
C LEU C 80 13.29 15.00 14.52
N GLY C 81 14.50 14.59 14.15
CA GLY C 81 15.73 15.07 14.79
C GLY C 81 16.02 14.39 16.12
N VAL C 82 15.63 13.14 16.19
CA VAL C 82 15.78 12.39 17.43
C VAL C 82 16.88 11.33 17.34
N LEU C 83 17.23 10.86 16.15
CA LEU C 83 18.26 9.85 16.02
C LEU C 83 19.47 10.51 15.38
N PRO C 84 20.65 10.47 16.05
CA PRO C 84 21.93 10.89 15.44
C PRO C 84 22.19 10.19 14.13
N ASP C 85 22.79 10.90 13.18
CA ASP C 85 23.05 10.35 11.84
C ASP C 85 23.61 8.94 11.87
N ASP C 86 24.73 8.80 12.55
CA ASP C 86 25.50 7.57 12.46
C ASP C 86 24.71 6.37 12.93
N ILE C 87 23.90 6.61 13.97
CA ILE C 87 23.05 5.57 14.56
C ILE C 87 21.96 5.12 13.59
N TYR C 88 21.36 6.08 12.91
CA TYR C 88 20.35 5.82 11.88
C TYR C 88 20.96 4.98 10.78
N HIS C 89 22.10 5.40 10.24
CA HIS C 89 22.67 4.71 9.10
C HIS C 89 23.06 3.30 9.53
N ASP C 90 23.74 3.18 10.69
CA ASP C 90 24.13 1.87 11.18
C ASP C 90 22.91 0.92 11.20
N ILE C 91 21.89 1.28 11.93
CA ILE C 91 20.73 0.44 11.90
C ILE C 91 20.23 0.16 10.48
N GLU C 92 20.06 1.18 9.64
CA GLU C 92 19.57 0.95 8.28
C GLU C 92 20.42 -0.08 7.56
N ASP C 93 21.74 0.04 7.61
CA ASP C 93 22.55 -0.87 6.85
C ASP C 93 22.45 -2.28 7.40
N ILE C 94 22.46 -2.42 8.72
CA ILE C 94 22.35 -3.71 9.34
C ILE C 94 21.04 -4.34 8.88
N ILE C 95 19.95 -3.55 8.85
CA ILE C 95 18.70 -4.09 8.31
C ILE C 95 18.88 -4.52 6.86
N LYS C 96 19.45 -3.67 6.03
CA LYS C 96 19.70 -4.01 4.63
C LYS C 96 20.49 -5.33 4.51
N LEU C 97 21.42 -5.59 5.43
CA LEU C 97 22.17 -6.84 5.36
C LEU C 97 21.25 -8.01 5.72
N LYS C 98 20.68 -8.00 6.92
CA LYS C 98 19.82 -9.05 7.34
C LYS C 98 18.96 -9.45 6.17
N ASN C 99 18.26 -8.50 5.55
CA ASN C 99 17.35 -8.87 4.47
C ASN C 99 17.95 -9.53 3.26
N HIS C 100 19.12 -9.11 2.82
CA HIS C 100 19.64 -9.92 1.76
C HIS C 100 20.14 -11.25 2.17
N LEU C 101 20.69 -11.35 3.39
CA LEU C 101 21.08 -12.68 3.86
C LEU C 101 19.91 -13.64 3.74
N ASN C 102 18.73 -13.13 4.13
CA ASN C 102 17.48 -13.86 4.04
C ASN C 102 16.85 -13.99 2.65
N SER C 103 17.50 -13.49 1.61
CA SER C 103 17.02 -13.87 0.29
C SER C 103 18.11 -14.49 -0.51
N ASP C 104 19.20 -14.85 0.14
CA ASP C 104 20.32 -15.48 -0.52
C ASP C 104 20.36 -16.87 0.04
N ALA C 105 20.33 -17.84 -0.85
CA ALA C 105 20.28 -19.23 -0.45
C ALA C 105 21.64 -19.75 0.05
N SER C 106 22.70 -19.00 -0.21
CA SER C 106 24.01 -19.34 0.30
C SER C 106 24.14 -18.96 1.76
N ASP C 107 25.10 -19.61 2.42
CA ASP C 107 25.51 -19.27 3.79
C ASP C 107 26.88 -18.57 3.81
N TYR C 108 27.07 -17.68 4.76
CA TYR C 108 28.36 -17.04 4.87
C TYR C 108 28.93 -17.18 6.27
N GLU C 109 30.24 -17.08 6.33
CA GLU C 109 30.98 -16.94 7.55
C GLU C 109 31.25 -15.49 7.85
N PHE C 110 31.46 -15.16 9.12
CA PHE C 110 31.73 -13.76 9.47
C PHE C 110 32.94 -13.29 8.71
N THR C 111 33.75 -14.29 8.36
CA THR C 111 35.03 -14.16 7.72
C THR C 111 34.95 -13.79 6.24
N ASP C 112 33.76 -13.87 5.63
CA ASP C 112 33.64 -13.69 4.17
C ASP C 112 33.57 -12.24 3.74
N PRO C 113 34.11 -11.93 2.55
CA PRO C 113 33.97 -10.57 2.03
C PRO C 113 32.53 -10.04 2.09
N ASN C 114 31.52 -10.85 1.75
CA ASN C 114 30.18 -10.24 1.68
C ASN C 114 29.63 -9.74 3.04
N ILE C 115 30.25 -10.21 4.13
CA ILE C 115 29.92 -9.84 5.52
C ILE C 115 30.93 -8.84 6.10
N LEU C 116 32.20 -9.21 6.12
CA LEU C 116 33.25 -8.36 6.68
C LEU C 116 33.15 -6.92 6.20
N GLU C 117 33.41 -6.64 4.91
CA GLU C 117 33.37 -5.23 4.45
C GLU C 117 32.15 -4.46 4.99
N PRO C 118 30.94 -4.92 4.67
CA PRO C 118 29.84 -4.17 5.26
C PRO C 118 30.03 -3.88 6.77
N ILE C 119 30.42 -4.89 7.55
CA ILE C 119 30.59 -4.69 8.99
C ILE C 119 31.60 -3.55 9.28
N LYS C 120 32.68 -3.54 8.50
CA LYS C 120 33.77 -2.59 8.65
C LYS C 120 33.30 -1.17 8.35
N LYS C 121 32.32 -1.04 7.47
CA LYS C 121 31.73 0.26 7.17
C LYS C 121 30.95 0.95 8.32
N LEU C 122 30.46 0.19 9.29
CA LEU C 122 29.62 0.77 10.35
C LEU C 122 30.31 1.85 11.21
N HIS C 123 29.75 3.05 11.21
CA HIS C 123 30.37 4.16 11.95
C HIS C 123 30.81 3.73 13.31
N LEU C 124 29.94 2.98 13.99
CA LEU C 124 30.14 2.68 15.41
C LEU C 124 31.23 1.58 15.62
N VAL C 125 31.54 0.79 14.58
CA VAL C 125 32.70 -0.14 14.66
C VAL C 125 34.02 0.58 14.40
N LYS C 126 34.06 1.43 13.38
CA LYS C 126 35.17 2.32 13.13
C LYS C 126 35.54 3.07 14.39
N LYS C 127 34.58 3.35 15.26
CA LYS C 127 34.85 4.14 16.47
C LYS C 127 35.45 3.30 17.63
N MSE C 128 35.28 1.97 17.54
CA MSE C 128 35.60 1.05 18.65
C MSE C 128 36.90 0.22 18.48
O MSE C 128 36.95 -1.00 18.70
CB MSE C 128 34.35 0.21 19.02
CG MSE C 128 33.22 1.09 19.62
SE MSE C 128 31.61 0.23 20.37
CE MSE C 128 32.21 -0.08 22.23
N GLY C 129 37.96 0.93 18.08
CA GLY C 129 39.33 0.44 18.02
C GLY C 129 39.66 -0.77 17.15
N MSE C 130 38.68 -1.66 17.02
CA MSE C 130 38.88 -3.01 16.50
C MSE C 130 39.19 -3.02 14.96
O MSE C 130 38.33 -2.70 14.13
CB MSE C 130 37.65 -3.83 16.91
CG MSE C 130 37.52 -5.20 16.37
SE MSE C 130 36.63 -5.11 14.64
CE MSE C 130 38.12 -5.74 13.55
N VAL C 131 40.44 -3.41 14.60
CA VAL C 131 40.96 -3.37 13.19
C VAL C 131 41.81 -4.58 12.75
N GLN C 132 41.40 -5.25 11.66
CA GLN C 132 42.13 -6.43 11.13
C GLN C 132 41.82 -6.90 9.69
N LEU C 133 42.81 -7.50 9.03
CA LEU C 133 42.68 -8.10 7.69
C LEU C 133 43.15 -9.57 7.76
N GLU C 134 42.97 -10.35 6.67
CA GLU C 134 43.66 -11.68 6.45
C GLU C 134 43.46 -12.29 5.05
N VAL C 135 44.51 -12.90 4.49
CA VAL C 135 44.43 -13.46 3.14
C VAL C 135 44.09 -14.98 3.19
N ASN C 136 44.77 -15.79 2.36
CA ASN C 136 44.61 -17.26 2.31
C ASN C 136 45.93 -17.99 2.55
N ASP C 141 51.01 -23.14 -1.00
CA ASP C 141 50.51 -22.81 0.32
C ASP C 141 50.19 -24.06 1.15
N ILE C 142 51.20 -24.57 1.85
CA ILE C 142 51.10 -25.80 2.67
C ILE C 142 50.28 -25.55 3.98
N ASP C 143 50.20 -26.56 4.86
CA ASP C 143 49.59 -26.44 6.21
C ASP C 143 48.25 -25.67 6.25
N LEU C 144 47.14 -26.37 6.05
CA LEU C 144 45.80 -25.73 6.03
C LEU C 144 45.03 -25.84 7.36
N GLU C 145 45.71 -26.35 8.39
CA GLU C 145 45.02 -26.52 9.67
C GLU C 145 45.01 -25.25 10.52
N PHE C 146 46.20 -24.75 10.88
CA PHE C 146 46.27 -23.52 11.66
C PHE C 146 45.54 -22.34 10.97
N TYR C 147 45.28 -22.48 9.67
CA TYR C 147 44.49 -21.50 8.90
C TYR C 147 42.99 -21.73 9.13
N GLN C 148 42.61 -23.00 9.06
CA GLN C 148 41.26 -23.41 9.32
C GLN C 148 40.92 -23.05 10.77
N LEU C 149 41.78 -23.45 11.71
CA LEU C 149 41.61 -23.08 13.13
C LEU C 149 41.62 -21.58 13.35
N GLN C 150 42.34 -20.86 12.48
CA GLN C 150 42.42 -19.41 12.61
C GLN C 150 41.12 -18.68 12.30
N LEU C 151 40.40 -19.10 11.27
CA LEU C 151 39.08 -18.54 10.99
C LEU C 151 38.14 -18.69 12.19
N GLN C 152 38.04 -19.92 12.70
CA GLN C 152 37.50 -20.26 14.04
C GLN C 152 37.69 -19.14 15.07
N ARG C 153 38.91 -18.60 15.16
CA ARG C 153 39.19 -17.47 16.03
C ARG C 153 38.52 -16.22 15.51
N GLN C 154 39.16 -15.52 14.57
CA GLN C 154 38.66 -14.26 13.97
C GLN C 154 37.14 -14.03 14.04
N GLN C 155 36.38 -15.08 13.76
CA GLN C 155 34.94 -15.02 13.66
C GLN C 155 34.24 -14.68 14.98
N GLN C 156 34.82 -15.10 16.10
CA GLN C 156 34.30 -14.68 17.41
C GLN C 156 34.83 -13.32 17.87
N ILE C 157 36.06 -12.97 17.46
CA ILE C 157 36.59 -11.60 17.56
C ILE C 157 35.74 -10.59 16.77
N ILE C 158 35.06 -11.12 15.76
CA ILE C 158 34.42 -10.29 14.79
C ILE C 158 32.92 -10.31 15.02
N LYS C 159 32.40 -11.40 15.58
CA LYS C 159 31.01 -11.46 16.07
C LYS C 159 30.91 -10.58 17.33
N SER C 160 31.93 -10.67 18.17
CA SER C 160 31.89 -10.01 19.45
C SER C 160 32.05 -8.50 19.34
N GLY C 161 33.00 -8.04 18.52
CA GLY C 161 33.20 -6.60 18.27
C GLY C 161 31.94 -5.95 17.72
N LEU C 162 31.16 -6.73 17.01
CA LEU C 162 29.91 -6.27 16.46
C LEU C 162 28.92 -6.23 17.60
N SER C 163 28.97 -7.26 18.45
CA SER C 163 28.06 -7.30 19.59
C SER C 163 28.23 -6.05 20.46
N LEU C 164 29.48 -5.76 20.83
CA LEU C 164 29.79 -4.50 21.48
C LEU C 164 29.19 -3.38 20.66
N ALA C 165 29.34 -3.40 19.35
CA ALA C 165 28.80 -2.30 18.57
C ALA C 165 27.30 -2.14 18.82
N ILE C 166 26.60 -3.27 18.79
CA ILE C 166 25.14 -3.31 18.84
C ILE C 166 24.64 -2.95 20.22
N VAL C 167 25.31 -3.44 21.26
CA VAL C 167 24.89 -3.09 22.59
C VAL C 167 25.03 -1.57 22.83
N GLU C 168 26.12 -1.00 22.33
CA GLU C 168 26.38 0.43 22.42
C GLU C 168 25.21 1.27 21.90
N ILE C 169 24.70 0.87 20.74
CA ILE C 169 23.60 1.58 20.14
C ILE C 169 22.36 1.50 21.00
N CYS C 170 22.16 0.37 21.66
CA CYS C 170 20.95 0.20 22.45
C CYS C 170 20.98 1.06 23.70
N ASN C 171 22.10 1.05 24.41
CA ASN C 171 22.28 1.96 25.51
C ASN C 171 22.01 3.45 25.11
N GLU C 172 22.41 3.81 23.89
CA GLU C 172 22.31 5.17 23.36
C GLU C 172 20.86 5.56 23.22
N LEU C 173 20.17 4.87 22.32
CA LEU C 173 18.72 4.85 22.22
C LEU C 173 17.99 4.79 23.55
N GLY C 174 18.65 4.22 24.57
CA GLY C 174 18.00 3.91 25.84
C GLY C 174 17.77 5.10 26.72
N LYS C 175 18.52 6.19 26.49
CA LYS C 175 18.25 7.43 27.20
C LYS C 175 18.06 8.63 26.24
N ILE D 8 -3.48 37.97 6.40
CA ILE D 8 -2.49 38.33 5.34
C ILE D 8 -2.50 37.28 4.20
N ASN D 9 -2.13 36.03 4.50
CA ASN D 9 -2.38 34.94 3.55
C ASN D 9 -3.87 34.62 3.61
N GLU D 10 -4.39 34.78 4.82
CA GLU D 10 -5.80 35.02 5.15
C GLU D 10 -6.57 35.71 4.01
N SER D 11 -5.85 36.30 3.07
CA SER D 11 -6.49 37.01 1.99
C SER D 11 -6.86 36.07 0.85
N GLU D 12 -5.85 35.38 0.31
CA GLU D 12 -5.99 34.52 -0.85
C GLU D 12 -6.94 33.38 -0.59
N ILE D 13 -7.00 32.95 0.66
CA ILE D 13 -7.80 31.78 0.96
C ILE D 13 -9.28 32.14 1.16
N ILE D 14 -9.55 33.25 1.85
CA ILE D 14 -10.87 33.85 1.84
C ILE D 14 -11.34 33.99 0.37
N GLU D 15 -10.37 34.28 -0.49
CA GLU D 15 -10.61 34.48 -1.91
C GLU D 15 -10.92 33.13 -2.54
N ARG D 16 -10.16 32.13 -2.17
CA ARG D 16 -10.29 30.85 -2.78
C ARG D 16 -11.61 30.24 -2.45
N LEU D 17 -12.09 30.48 -1.24
CA LEU D 17 -13.33 29.85 -0.83
C LEU D 17 -14.47 30.69 -1.37
N ASN D 18 -14.30 32.00 -1.44
CA ASN D 18 -15.37 32.77 -2.03
C ASN D 18 -15.63 32.34 -3.48
N SER D 19 -14.57 32.04 -4.21
CA SER D 19 -14.69 31.54 -5.57
C SER D 19 -15.53 30.28 -5.71
N ALA D 20 -15.33 29.30 -4.84
CA ALA D 20 -15.93 27.98 -5.02
C ALA D 20 -17.45 28.00 -5.19
N PRO D 21 -17.93 27.73 -6.41
CA PRO D 21 -19.31 28.05 -6.68
C PRO D 21 -20.36 26.98 -6.32
N SER D 22 -20.03 25.99 -5.49
CA SER D 22 -20.93 24.87 -5.23
C SER D 22 -20.41 24.09 -4.04
N VAL D 23 -21.29 23.39 -3.31
CA VAL D 23 -20.82 22.70 -2.09
C VAL D 23 -19.60 21.82 -2.38
N ARG D 24 -19.63 21.10 -3.49
CA ARG D 24 -18.50 20.19 -3.76
C ARG D 24 -17.20 20.96 -3.97
N GLY D 25 -17.21 21.93 -4.87
CA GLY D 25 -16.03 22.72 -5.14
C GLY D 25 -15.54 23.46 -3.91
N PHE D 26 -16.47 23.88 -3.06
CA PHE D 26 -16.11 24.49 -1.82
C PHE D 26 -15.29 23.53 -0.97
N PHE D 27 -15.74 22.29 -0.77
CA PHE D 27 -15.02 21.42 0.17
C PHE D 27 -13.70 20.89 -0.34
N ILE D 28 -13.66 20.64 -1.64
CA ILE D 28 -12.42 20.37 -2.34
C ILE D 28 -11.38 21.45 -2.00
N ALA D 29 -11.80 22.73 -2.16
CA ALA D 29 -10.92 23.89 -1.94
C ALA D 29 -10.54 23.90 -0.48
N THR D 30 -11.51 23.70 0.40
CA THR D 30 -11.08 23.88 1.75
C THR D 30 -10.05 22.80 2.11
N VAL D 31 -10.15 21.60 1.52
CA VAL D 31 -9.19 20.52 1.88
C VAL D 31 -7.84 20.86 1.29
N ASP D 32 -7.83 21.32 0.03
CA ASP D 32 -6.61 21.86 -0.56
C ASP D 32 -5.92 22.89 0.33
N VAL D 33 -6.70 23.82 0.94
CA VAL D 33 -6.05 24.85 1.77
C VAL D 33 -5.51 24.24 3.01
N PHE D 34 -6.28 23.33 3.63
CA PHE D 34 -5.75 22.54 4.73
C PHE D 34 -4.48 21.78 4.36
N ASN D 35 -4.50 21.21 3.16
CA ASN D 35 -3.44 20.36 2.74
C ASN D 35 -2.19 21.22 2.71
N GLU D 36 -2.34 22.47 2.26
CA GLU D 36 -1.22 23.37 2.09
C GLU D 36 -0.64 23.84 3.39
N SER D 37 -1.51 24.13 4.31
CA SER D 37 -1.11 24.65 5.56
C SER D 37 -0.52 23.51 6.43
N ILE D 38 -1.04 22.28 6.27
CA ILE D 38 -0.42 21.15 6.94
C ILE D 38 1.03 20.89 6.47
N ASP D 39 1.23 20.93 5.17
CA ASP D 39 2.53 20.82 4.58
C ASP D 39 3.51 21.80 5.25
N GLY D 40 3.11 23.07 5.32
CA GLY D 40 3.95 24.06 5.92
C GLY D 40 4.34 23.64 7.32
N LEU D 41 3.36 23.15 8.06
CA LEU D 41 3.59 22.82 9.44
C LEU D 41 4.58 21.64 9.54
N ILE D 42 4.38 20.67 8.66
CA ILE D 42 5.11 19.43 8.79
C ILE D 42 6.54 19.69 8.38
N GLN D 43 6.69 20.42 7.28
CA GLN D 43 7.98 20.89 6.78
C GLN D 43 8.73 21.68 7.87
N ARG D 44 7.98 22.35 8.76
CA ARG D 44 8.61 23.05 9.87
C ARG D 44 9.05 22.13 11.00
N ILE D 45 8.45 20.98 11.11
CA ILE D 45 8.71 20.15 12.25
C ILE D 45 9.76 19.13 11.92
N PHE D 46 9.95 18.86 10.64
CA PHE D 46 11.04 17.99 10.22
C PHE D 46 12.31 18.77 9.96
N ARG D 47 13.44 18.28 10.45
CA ARG D 47 14.70 18.93 10.14
C ARG D 47 14.98 18.83 8.63
N LYS D 48 15.80 19.75 8.12
CA LYS D 48 16.07 19.87 6.68
C LYS D 48 17.50 20.37 6.46
N ASP D 49 18.27 20.46 7.53
CA ASP D 49 19.61 21.01 7.43
C ASP D 49 20.46 20.25 6.40
N ASN D 50 20.76 18.97 6.68
CA ASN D 50 21.59 18.14 5.83
C ASN D 50 20.92 17.72 4.54
N PHE D 51 21.77 17.37 3.59
CA PHE D 51 21.30 16.63 2.47
C PHE D 51 20.88 15.28 3.02
N ALA D 52 21.75 14.64 3.80
CA ALA D 52 21.45 13.34 4.43
C ALA D 52 19.99 13.26 4.89
N VAL D 53 19.64 14.01 5.91
CA VAL D 53 18.27 14.02 6.40
C VAL D 53 17.20 14.39 5.34
N GLN D 54 17.36 15.48 4.60
CA GLN D 54 16.34 15.84 3.60
C GLN D 54 16.12 14.72 2.58
N SER D 55 17.19 13.99 2.36
CA SER D 55 17.19 12.93 1.39
C SER D 55 16.48 11.67 1.85
N VAL D 56 16.09 11.63 3.13
CA VAL D 56 15.20 10.57 3.64
C VAL D 56 13.83 11.11 4.01
N VAL D 57 13.82 12.31 4.57
CA VAL D 57 12.59 13.05 4.76
C VAL D 57 11.79 13.32 3.46
N GLY D 58 12.47 13.62 2.35
CA GLY D 58 11.77 13.87 1.09
C GLY D 58 10.86 12.72 0.67
N PRO D 59 11.44 11.50 0.54
CA PRO D 59 10.57 10.41 0.10
C PRO D 59 9.57 10.02 1.13
N LEU D 60 9.90 10.30 2.39
CA LEU D 60 9.02 9.96 3.48
C LEU D 60 7.73 10.70 3.27
N LEU D 61 7.86 11.89 2.69
CA LEU D 61 6.81 12.89 2.72
C LEU D 61 6.06 13.03 1.44
N GLN D 62 6.65 12.58 0.33
CA GLN D 62 5.99 12.67 -0.97
C GLN D 62 4.72 11.81 -1.05
N ASP D 63 4.00 11.85 -2.17
CA ASP D 63 2.65 11.24 -2.26
C ASP D 63 2.62 9.74 -2.00
N SER D 64 3.27 8.99 -2.89
CA SER D 64 3.61 7.62 -2.57
C SER D 64 4.43 7.70 -1.29
N GLY D 65 4.73 6.61 -0.64
CA GLY D 65 5.55 6.83 0.55
C GLY D 65 4.77 7.24 1.76
N PRO D 66 5.21 6.82 2.93
CA PRO D 66 4.40 6.57 4.09
C PRO D 66 3.69 7.77 4.67
N LEU D 67 4.23 8.97 4.58
CA LEU D 67 3.47 10.13 5.08
C LEU D 67 2.90 10.98 3.94
N GLY D 68 2.55 10.36 2.82
CA GLY D 68 1.97 11.13 1.73
C GLY D 68 0.60 11.71 2.12
N ASP D 69 -0.30 10.85 2.60
CA ASP D 69 -1.66 11.26 2.87
C ASP D 69 -1.72 12.37 3.92
N LEU D 70 -2.50 13.39 3.59
CA LEU D 70 -2.93 14.38 4.54
C LEU D 70 -3.47 13.72 5.78
N SER D 71 -4.33 12.72 5.64
CA SER D 71 -4.98 12.26 6.85
C SER D 71 -3.96 11.57 7.76
N VAL D 72 -2.92 10.99 7.13
CA VAL D 72 -1.91 10.29 7.89
C VAL D 72 -1.07 11.34 8.64
N ARG D 73 -0.77 12.45 7.95
CA ARG D 73 0.03 13.57 8.50
C ARG D 73 -0.64 14.15 9.73
N LEU D 74 -1.95 14.33 9.64
CA LEU D 74 -2.63 14.88 10.78
C LEU D 74 -2.52 13.94 11.93
N LYS D 75 -2.68 12.64 11.66
CA LYS D 75 -2.63 11.67 12.75
C LYS D 75 -1.26 11.75 13.43
N LEU D 76 -0.22 11.88 12.61
CA LEU D 76 1.14 12.00 13.13
C LEU D 76 1.20 13.21 14.03
N LEU D 77 0.94 14.34 13.40
CA LEU D 77 0.98 15.63 14.04
C LEU D 77 0.23 15.63 15.35
N PHE D 78 -0.94 15.01 15.35
CA PHE D 78 -1.76 14.90 16.54
C PHE D 78 -1.05 14.05 17.64
N GLY D 79 -0.62 12.87 17.23
CA GLY D 79 0.14 12.04 18.12
C GLY D 79 1.33 12.72 18.78
N LEU D 80 2.02 13.57 18.02
CA LEU D 80 3.16 14.34 18.55
C LEU D 80 2.78 15.42 19.57
N GLY D 81 1.49 15.72 19.66
CA GLY D 81 1.05 16.84 20.50
C GLY D 81 1.09 18.20 19.79
N VAL D 82 1.31 18.23 18.49
CA VAL D 82 1.37 19.52 17.83
C VAL D 82 -0.01 20.11 17.50
N LEU D 83 -0.98 19.27 17.15
CA LEU D 83 -2.33 19.69 16.74
C LEU D 83 -3.25 19.60 17.92
N PRO D 84 -3.85 20.69 18.36
CA PRO D 84 -4.85 20.47 19.43
C PRO D 84 -5.99 19.55 18.96
N ASP D 85 -6.58 18.84 19.91
CA ASP D 85 -7.72 17.94 19.64
C ASP D 85 -8.74 18.48 18.68
N ASP D 86 -9.34 19.62 19.01
CA ASP D 86 -10.37 20.21 18.17
C ASP D 86 -9.91 20.53 16.79
N ILE D 87 -8.63 20.85 16.62
CA ILE D 87 -8.13 21.08 15.27
C ILE D 87 -8.02 19.79 14.50
N TYR D 88 -7.45 18.78 15.16
CA TYR D 88 -7.30 17.49 14.58
C TYR D 88 -8.68 16.99 14.16
N HIS D 89 -9.62 17.00 15.08
CA HIS D 89 -10.95 16.50 14.73
C HIS D 89 -11.68 17.22 13.57
N ASP D 90 -11.67 18.56 13.59
CA ASP D 90 -12.44 19.31 12.63
C ASP D 90 -11.88 19.09 11.23
N ILE D 91 -10.57 19.17 11.07
CA ILE D 91 -9.97 18.78 9.81
C ILE D 91 -10.28 17.32 9.44
N GLU D 92 -10.03 16.36 10.32
CA GLU D 92 -10.32 14.99 9.89
C GLU D 92 -11.79 14.89 9.41
N ASP D 93 -12.73 15.27 10.27
CA ASP D 93 -14.13 15.36 9.85
C ASP D 93 -14.39 16.15 8.53
N ILE D 94 -13.80 17.33 8.37
CA ILE D 94 -14.04 18.02 7.15
C ILE D 94 -13.61 17.19 5.96
N ILE D 95 -12.55 16.39 6.14
CA ILE D 95 -12.03 15.58 5.06
C ILE D 95 -12.98 14.41 4.74
N LYS D 96 -13.51 13.79 5.78
CA LYS D 96 -14.50 12.77 5.62
C LYS D 96 -15.64 13.36 4.75
N LEU D 97 -16.14 14.51 5.15
CA LEU D 97 -17.29 15.03 4.52
C LEU D 97 -16.98 15.30 3.04
N LYS D 98 -15.82 15.87 2.76
CA LYS D 98 -15.45 16.11 1.39
C LYS D 98 -15.47 14.79 0.58
N ASN D 99 -14.98 13.68 1.13
CA ASN D 99 -15.08 12.42 0.40
C ASN D 99 -16.50 11.84 0.30
N HIS D 100 -17.37 12.12 1.27
CA HIS D 100 -18.75 11.70 1.14
C HIS D 100 -19.24 12.28 -0.19
N LEU D 101 -19.18 13.61 -0.24
CA LEU D 101 -19.70 14.45 -1.29
C LEU D 101 -19.16 14.08 -2.67
N ASN D 102 -17.84 13.86 -2.82
CA ASN D 102 -17.33 13.29 -4.09
C ASN D 102 -17.71 11.86 -4.44
N SER D 103 -18.33 11.13 -3.50
CA SER D 103 -18.87 9.79 -3.79
C SER D 103 -20.35 9.82 -4.12
N ASP D 104 -20.96 11.00 -4.05
CA ASP D 104 -22.39 11.02 -4.05
C ASP D 104 -22.81 11.70 -5.32
N ALA D 105 -23.54 10.99 -6.14
CA ALA D 105 -23.92 11.59 -7.38
C ALA D 105 -24.80 12.80 -7.11
N SER D 106 -25.50 12.81 -5.98
CA SER D 106 -26.47 13.89 -5.77
C SER D 106 -25.75 15.17 -5.40
N ASP D 107 -26.31 16.29 -5.82
CA ASP D 107 -25.78 17.60 -5.49
C ASP D 107 -26.59 18.15 -4.31
N TYR D 108 -25.90 18.60 -3.28
CA TYR D 108 -26.53 19.26 -2.15
C TYR D 108 -26.21 20.74 -2.04
N GLU D 109 -26.97 21.38 -1.19
CA GLU D 109 -26.93 22.77 -1.01
C GLU D 109 -26.56 22.91 0.48
N PHE D 110 -25.94 24.03 0.83
CA PHE D 110 -25.40 24.27 2.19
C PHE D 110 -26.50 24.24 3.23
N THR D 111 -27.72 24.25 2.76
CA THR D 111 -28.88 24.42 3.62
C THR D 111 -29.58 23.05 3.90
N ASP D 112 -29.07 21.98 3.31
CA ASP D 112 -29.62 20.64 3.45
C ASP D 112 -29.07 19.96 4.70
N PRO D 113 -29.94 19.21 5.40
CA PRO D 113 -29.56 18.66 6.70
C PRO D 113 -28.29 17.83 6.68
N ASN D 114 -28.04 17.10 5.59
CA ASN D 114 -26.86 16.22 5.48
C ASN D 114 -25.58 17.00 5.15
N ILE D 115 -25.73 18.30 4.92
CA ILE D 115 -24.57 19.20 4.90
C ILE D 115 -24.53 20.07 6.16
N LEU D 116 -25.66 20.67 6.50
CA LEU D 116 -25.63 21.62 7.59
C LEU D 116 -25.37 20.94 8.90
N GLU D 117 -26.02 19.81 9.14
CA GLU D 117 -25.91 19.27 10.48
C GLU D 117 -24.47 18.83 10.78
N PRO D 118 -23.78 18.18 9.80
CA PRO D 118 -22.35 17.77 9.99
C PRO D 118 -21.44 18.96 10.34
N ILE D 119 -21.74 20.12 9.73
CA ILE D 119 -20.87 21.24 9.93
C ILE D 119 -21.22 21.89 11.21
N LYS D 120 -22.49 21.94 11.54
CA LYS D 120 -22.83 22.28 12.94
C LYS D 120 -22.08 21.38 13.98
N LYS D 121 -21.70 20.17 13.60
CA LYS D 121 -21.09 19.27 14.60
C LYS D 121 -19.66 19.72 14.91
N LEU D 122 -18.97 20.21 13.89
CA LEU D 122 -17.62 20.78 14.00
C LEU D 122 -17.35 21.73 15.20
N HIS D 123 -16.28 21.45 15.92
CA HIS D 123 -15.92 22.19 17.12
C HIS D 123 -15.85 23.67 16.90
N LEU D 124 -15.02 24.07 15.93
CA LEU D 124 -14.80 25.48 15.70
C LEU D 124 -16.03 26.23 15.18
N VAL D 125 -16.97 25.58 14.50
CA VAL D 125 -18.19 26.30 14.14
C VAL D 125 -19.13 26.49 15.37
N LYS D 126 -19.19 25.49 16.24
CA LYS D 126 -19.89 25.62 17.49
C LYS D 126 -19.32 26.79 18.28
N LYS D 127 -18.00 26.83 18.39
CA LYS D 127 -17.32 27.85 19.18
C LYS D 127 -17.47 29.23 18.58
N MSE D 128 -17.58 29.30 17.25
CA MSE D 128 -17.60 30.61 16.60
C MSE D 128 -18.98 31.22 16.46
O MSE D 128 -19.14 32.44 16.35
CB MSE D 128 -16.86 30.60 15.27
CG MSE D 128 -15.37 30.72 15.46
SE MSE D 128 -14.27 30.56 13.81
CE MSE D 128 -14.16 32.50 13.51
N GLY D 129 -19.99 30.37 16.52
CA GLY D 129 -21.35 30.82 16.62
C GLY D 129 -21.81 31.59 15.41
N MSE D 130 -21.30 31.19 14.25
CA MSE D 130 -21.29 32.00 13.04
C MSE D 130 -22.26 31.51 11.96
O MSE D 130 -22.37 32.12 10.88
CB MSE D 130 -19.88 31.95 12.49
CG MSE D 130 -19.41 33.19 11.87
SE MSE D 130 -19.01 34.56 13.16
CE MSE D 130 -17.41 33.79 13.88
N VAL D 131 -22.95 30.41 12.25
CA VAL D 131 -23.68 29.64 11.22
C VAL D 131 -25.15 29.30 11.56
N GLN D 132 -25.57 29.63 12.77
CA GLN D 132 -26.76 29.10 13.33
C GLN D 132 -27.86 30.16 13.21
N LEU D 133 -28.87 29.89 12.38
CA LEU D 133 -29.78 30.93 11.94
C LEU D 133 -31.19 30.90 12.54
N GLU D 134 -31.80 32.06 12.68
CA GLU D 134 -33.19 32.20 13.05
C GLU D 134 -33.84 32.74 11.78
N VAL D 135 -34.69 31.96 11.16
CA VAL D 135 -35.29 32.37 9.91
C VAL D 135 -36.80 32.68 10.03
N ASN D 136 -37.18 33.96 10.17
CA ASN D 136 -38.59 34.36 10.06
C ASN D 136 -38.94 34.18 8.59
N GLU D 137 -40.03 33.46 8.31
CA GLU D 137 -40.36 33.10 6.91
C GLU D 137 -41.21 34.19 6.24
N PRO D 138 -41.04 34.38 4.90
CA PRO D 138 -41.78 35.41 4.17
C PRO D 138 -43.27 35.42 4.49
N ASP D 139 -43.86 36.60 4.62
CA ASP D 139 -45.27 36.67 4.93
C ASP D 139 -46.13 36.51 3.70
N ASP D 140 -46.16 37.53 2.84
CA ASP D 140 -47.00 37.53 1.64
C ASP D 140 -46.65 36.28 0.83
N ASP D 141 -47.51 35.26 0.91
CA ASP D 141 -47.14 33.89 0.48
C ASP D 141 -47.30 33.60 -1.02
N ILE D 142 -47.02 32.35 -1.38
CA ILE D 142 -46.82 31.94 -2.78
C ILE D 142 -45.54 32.66 -3.25
N ASP D 143 -44.74 33.07 -2.27
CA ASP D 143 -43.41 33.60 -2.50
C ASP D 143 -42.51 32.50 -3.03
N LEU D 144 -42.99 31.83 -4.07
CA LEU D 144 -42.10 31.19 -5.03
C LEU D 144 -40.74 31.94 -4.90
N GLU D 145 -40.76 33.19 -5.35
CA GLU D 145 -39.56 33.99 -5.46
C GLU D 145 -38.85 34.25 -4.12
N PHE D 146 -39.60 34.59 -3.07
CA PHE D 146 -38.99 35.05 -1.83
C PHE D 146 -38.43 33.96 -0.93
N TYR D 147 -39.13 32.83 -0.81
CA TYR D 147 -38.66 31.72 0.03
C TYR D 147 -37.33 31.26 -0.55
N GLN D 148 -37.28 31.18 -1.88
CA GLN D 148 -36.10 30.81 -2.65
C GLN D 148 -34.93 31.72 -2.34
N LEU D 149 -35.18 33.02 -2.55
CA LEU D 149 -34.19 34.08 -2.36
C LEU D 149 -33.51 34.05 -0.98
N GLN D 150 -34.35 33.93 0.05
CA GLN D 150 -33.89 33.72 1.40
C GLN D 150 -32.99 32.48 1.55
N LEU D 151 -33.31 31.44 0.79
CA LEU D 151 -32.66 30.16 0.97
C LEU D 151 -31.24 30.39 0.46
N GLN D 152 -31.13 31.10 -0.67
CA GLN D 152 -29.81 31.49 -1.15
C GLN D 152 -29.08 32.37 -0.16
N ARG D 153 -29.80 33.30 0.47
CA ARG D 153 -29.24 34.18 1.47
C ARG D 153 -28.78 33.35 2.60
N GLN D 154 -29.54 32.34 2.97
CA GLN D 154 -29.09 31.42 4.01
C GLN D 154 -27.82 30.69 3.64
N GLN D 155 -27.71 30.17 2.42
CA GLN D 155 -26.54 29.33 2.06
C GLN D 155 -25.29 30.17 2.20
N GLN D 156 -25.31 31.31 1.51
CA GLN D 156 -24.25 32.28 1.58
C GLN D 156 -23.82 32.56 3.02
N ILE D 157 -24.79 32.69 3.93
CA ILE D 157 -24.41 32.90 5.34
C ILE D 157 -23.55 31.76 5.80
N ILE D 158 -24.06 30.55 5.59
CA ILE D 158 -23.42 29.36 6.12
C ILE D 158 -22.04 29.27 5.54
N LYS D 159 -21.94 29.37 4.20
CA LYS D 159 -20.67 29.33 3.48
C LYS D 159 -19.72 30.33 4.04
N SER D 160 -20.22 31.52 4.35
CA SER D 160 -19.36 32.51 4.94
C SER D 160 -18.88 32.13 6.32
N GLY D 161 -19.77 31.54 7.12
CA GLY D 161 -19.45 31.22 8.52
C GLY D 161 -18.37 30.18 8.52
N LEU D 162 -18.59 29.14 7.72
CA LEU D 162 -17.65 28.07 7.58
C LEU D 162 -16.33 28.67 7.13
N SER D 163 -16.35 29.61 6.18
CA SER D 163 -15.09 30.10 5.71
C SER D 163 -14.26 30.60 6.86
N LEU D 164 -14.85 31.40 7.75
CA LEU D 164 -14.09 31.88 8.87
C LEU D 164 -13.57 30.72 9.74
N ALA D 165 -14.33 29.63 9.87
CA ALA D 165 -13.77 28.49 10.60
C ALA D 165 -12.44 28.09 9.97
N ILE D 166 -12.45 28.02 8.64
CA ILE D 166 -11.33 27.48 7.93
C ILE D 166 -10.13 28.42 8.01
N VAL D 167 -10.39 29.70 7.86
CA VAL D 167 -9.37 30.67 8.01
C VAL D 167 -8.85 30.66 9.42
N GLU D 168 -9.72 30.47 10.40
CA GLU D 168 -9.23 30.53 11.78
C GLU D 168 -8.28 29.32 12.04
N ILE D 169 -8.62 28.19 11.43
CA ILE D 169 -7.80 26.99 11.56
C ILE D 169 -6.44 27.18 10.89
N CYS D 170 -6.42 27.62 9.62
CA CYS D 170 -5.17 27.80 8.92
C CYS D 170 -4.32 28.81 9.66
N ASN D 171 -5.01 29.77 10.21
CA ASN D 171 -4.36 30.76 10.98
C ASN D 171 -3.67 30.09 12.16
N GLU D 172 -4.43 29.20 12.79
CA GLU D 172 -4.00 28.58 14.01
C GLU D 172 -2.83 27.66 13.74
N LEU D 173 -2.81 27.04 12.57
CA LEU D 173 -1.67 26.20 12.16
C LEU D 173 -0.43 26.96 11.72
N GLY D 174 -0.52 28.24 11.41
CA GLY D 174 0.66 28.90 10.95
C GLY D 174 1.51 29.29 12.12
N LYS D 175 0.93 29.13 13.32
CA LYS D 175 1.45 29.79 14.54
C LYS D 175 2.74 29.14 15.09
C1 EDO E . -13.69 2.65 -6.88
O1 EDO E . -12.40 1.97 -6.81
C2 EDO E . -13.59 4.16 -6.57
O2 EDO E . -14.25 4.97 -7.58
C1 EDO F . 9.29 -13.66 -0.71
O1 EDO F . 10.06 -14.48 -1.60
C2 EDO F . 7.88 -14.20 -0.44
O2 EDO F . 7.59 -14.30 0.98
C1 GOL G . 20.37 -39.32 -0.80
O1 GOL G . 20.82 -38.12 -1.40
C2 GOL G . 19.51 -40.27 -1.68
O2 GOL G . 20.26 -41.45 -2.04
C3 GOL G . 18.23 -40.57 -0.85
O3 GOL G . 16.98 -40.54 -1.56
C1 EDO H . 11.26 -6.62 11.43
O1 EDO H . 12.33 -7.01 10.53
C2 EDO H . 10.05 -5.99 10.66
O2 EDO H . 9.58 -4.74 11.22
C1 EDO I . -5.56 14.08 -0.75
O1 EDO I . -4.46 13.83 0.19
C2 EDO I . -6.82 14.69 -0.09
O2 EDO I . -7.38 15.72 -0.92
#